data_5CB6
#
_entry.id   5CB6
#
_cell.length_a   136.904
_cell.length_b   109.681
_cell.length_c   100.807
_cell.angle_alpha   90.00
_cell.angle_beta   90.72
_cell.angle_gamma   90.00
#
_symmetry.space_group_name_H-M   'C 1 2 1'
#
loop_
_entity.id
_entity.type
_entity.pdbx_description
1 polymer 'Probable adenylyl-sulfate kinase'
2 non-polymer "ADENOSINE-5'-PHOSPHOSULFATE"
3 non-polymer 'PHOSPHOAMINOPHOSPHONIC ACID-ADENYLATE ESTER'
4 non-polymer 'MAGNESIUM ION'
5 non-polymer 'SODIUM ION'
6 non-polymer 'CACODYLATE ION'
7 water water
#
_entity_poly.entity_id   1
_entity_poly.type   'polypeptide(L)'
_entity_poly.pdbx_seq_one_letter_code
;MGSSHHHHHHSSGLVPRGSHMQQRGVTIWLTGLSGAGKTTITHALEKKLRDSGYRLEVLDGDVVRTNLTKGLGFSKEDRD
TNIRRIGFVSHLLTRNGVIVLVSAISPYAAIRQEVKHTIGDFLEVFVNAPLAVCEERDVKGLYAKARSGEIKGFTGIDDP
YEPPTNPDVECRTDLEELDESVGKIWQKLVDLKYIEG
;
_entity_poly.pdbx_strand_id   A,B,C,D,E,F
#
loop_
_chem_comp.id
_chem_comp.type
_chem_comp.name
_chem_comp.formula
ADX RNA linking ADENOSINE-5'-PHOSPHOSULFATE 'C10 H14 N5 O10 P S'
ANP non-polymer 'PHOSPHOAMINOPHOSPHONIC ACID-ADENYLATE ESTER' 'C10 H17 N6 O12 P3'
CAC non-polymer 'CACODYLATE ION' 'C2 H6 As O2 -1'
MG non-polymer 'MAGNESIUM ION' 'Mg 2'
NA non-polymer 'SODIUM ION' 'Na 1'
#
# COMPACT_ATOMS: atom_id res chain seq x y z
N ARG A 24 27.46 6.19 4.63
CA ARG A 24 26.04 6.33 4.93
C ARG A 24 25.30 7.05 3.81
N GLY A 25 25.86 8.14 3.29
CA GLY A 25 25.19 8.94 2.29
C GLY A 25 25.03 8.24 0.96
N VAL A 26 23.84 8.31 0.38
CA VAL A 26 23.60 7.71 -0.92
C VAL A 26 22.52 8.51 -1.66
N THR A 27 22.59 8.55 -2.99
CA THR A 27 21.46 9.05 -3.76
C THR A 27 20.66 7.89 -4.28
N ILE A 28 19.38 7.85 -3.94
CA ILE A 28 18.48 6.86 -4.50
C ILE A 28 17.66 7.49 -5.58
N TRP A 29 17.92 7.07 -6.82
CA TRP A 29 17.39 7.76 -7.97
C TRP A 29 16.26 6.98 -8.67
N LEU A 30 15.04 7.50 -8.61
CA LEU A 30 13.86 6.82 -9.17
C LEU A 30 13.48 7.36 -10.54
N THR A 31 13.68 6.57 -11.60
CA THR A 31 13.27 6.98 -12.94
C THR A 31 12.08 6.15 -13.43
N GLY A 32 11.23 6.75 -14.25
CA GLY A 32 10.12 6.00 -14.81
C GLY A 32 9.22 6.89 -15.61
N LEU A 33 8.20 6.30 -16.23
CA LEU A 33 7.22 7.08 -16.95
C LEU A 33 6.47 7.98 -15.99
N SER A 34 5.86 9.04 -16.50
CA SER A 34 4.95 9.81 -15.68
C SER A 34 3.82 8.90 -15.24
N GLY A 35 3.52 8.91 -13.94
CA GLY A 35 2.42 8.11 -13.40
C GLY A 35 2.83 6.70 -13.04
N ALA A 36 4.09 6.39 -13.21
CA ALA A 36 4.58 5.05 -12.95
C ALA A 36 4.60 4.80 -11.45
N GLY A 37 5.03 5.79 -10.67
CA GLY A 37 4.89 5.72 -9.23
C GLY A 37 6.06 6.22 -8.40
N LYS A 38 6.87 7.09 -8.99
CA LYS A 38 8.05 7.62 -8.34
C LYS A 38 7.68 8.39 -7.07
N THR A 39 6.77 9.34 -7.18
CA THR A 39 6.48 10.20 -6.06
C THR A 39 5.83 9.39 -4.95
N THR A 40 4.86 8.56 -5.34
CA THR A 40 4.16 7.74 -4.37
C THR A 40 5.14 6.92 -3.55
N ILE A 41 6.13 6.33 -4.23
CA ILE A 41 7.17 5.54 -3.57
C ILE A 41 8.06 6.41 -2.70
N THR A 42 8.56 7.48 -3.28
CA THR A 42 9.39 8.43 -2.56
C THR A 42 8.75 8.91 -1.24
N HIS A 43 7.48 9.31 -1.23
CA HIS A 43 6.86 9.70 0.03
C HIS A 43 6.85 8.55 1.04
N ALA A 44 6.54 7.34 0.57
CA ALA A 44 6.46 6.18 1.47
C ALA A 44 7.83 5.86 2.05
N LEU A 45 8.80 5.69 1.15
CA LEU A 45 10.18 5.43 1.52
C LEU A 45 10.65 6.52 2.48
N GLU A 46 10.30 7.77 2.17
CA GLU A 46 10.73 8.94 2.93
C GLU A 46 10.28 8.78 4.37
N LYS A 47 8.99 8.52 4.54
CA LYS A 47 8.42 8.33 5.86
C LYS A 47 9.10 7.19 6.61
N LYS A 48 9.31 6.06 5.94
CA LYS A 48 9.90 4.88 6.57
C LYS A 48 11.31 5.14 7.08
N LEU A 49 12.06 5.99 6.36
CA LEU A 49 13.45 6.20 6.67
C LEU A 49 13.52 7.19 7.80
N ARG A 50 12.62 8.18 7.80
CA ARG A 50 12.67 9.22 8.80
C ARG A 50 12.19 8.74 10.15
N ASP A 51 11.13 7.92 10.13
CA ASP A 51 10.63 7.31 11.36
C ASP A 51 11.77 6.60 12.07
N SER A 52 12.51 5.80 11.31
CA SER A 52 13.67 5.08 11.86
C SER A 52 14.82 6.01 12.20
N GLY A 53 14.64 7.29 11.90
CA GLY A 53 15.57 8.32 12.34
C GLY A 53 16.70 8.63 11.40
N TYR A 54 16.60 8.18 10.15
CA TYR A 54 17.65 8.48 9.19
C TYR A 54 17.48 9.90 8.66
N ARG A 55 18.57 10.47 8.19
CA ARG A 55 18.53 11.84 7.71
C ARG A 55 18.49 11.87 6.21
N LEU A 56 17.54 12.58 5.64
CA LEU A 56 17.41 12.55 4.22
C LEU A 56 16.77 13.78 3.70
N GLU A 57 16.97 14.04 2.43
CA GLU A 57 16.31 15.12 1.72
C GLU A 57 15.61 14.57 0.49
N VAL A 58 14.57 15.25 0.01
CA VAL A 58 13.88 14.78 -1.20
C VAL A 58 13.92 15.78 -2.33
N LEU A 59 14.22 15.32 -3.53
CA LEU A 59 14.11 16.19 -4.70
C LEU A 59 13.14 15.59 -5.74
N ASP A 60 11.89 16.04 -5.73
CA ASP A 60 10.89 15.57 -6.69
C ASP A 60 10.90 16.50 -7.87
N GLY A 61 10.88 15.94 -9.08
CA GLY A 61 11.01 16.72 -10.29
C GLY A 61 9.98 17.82 -10.39
N ASP A 62 8.72 17.46 -10.18
CA ASP A 62 7.61 18.42 -10.20
C ASP A 62 7.86 19.58 -9.27
N VAL A 63 8.46 19.29 -8.14
CA VAL A 63 8.59 20.30 -7.11
C VAL A 63 9.81 21.19 -7.28
N VAL A 64 10.93 20.63 -7.72
CA VAL A 64 12.10 21.48 -7.88
C VAL A 64 11.98 22.34 -9.14
N ARG A 65 11.06 21.99 -10.00
CA ARG A 65 10.82 22.76 -11.17
C ARG A 65 10.15 24.05 -10.80
N THR A 66 9.68 24.15 -9.58
CA THR A 66 9.14 25.38 -9.08
C THR A 66 10.17 26.12 -8.28
N ASN A 67 11.35 25.53 -8.15
CA ASN A 67 12.38 26.03 -7.28
C ASN A 67 13.72 26.17 -7.99
N LEU A 68 14.56 25.15 -7.87
CA LEU A 68 15.88 25.05 -8.36
C LEU A 68 15.91 25.09 -9.85
N THR A 69 14.90 24.51 -10.47
CA THR A 69 14.85 24.47 -11.91
C THR A 69 13.68 25.22 -12.47
N LYS A 70 13.28 26.28 -11.80
CA LYS A 70 12.22 27.13 -12.31
C LYS A 70 12.60 27.67 -13.67
N GLY A 71 11.64 27.67 -14.59
CA GLY A 71 11.83 28.32 -15.86
C GLY A 71 12.28 27.41 -16.97
N LEU A 72 12.60 26.17 -16.63
CA LEU A 72 12.94 25.17 -17.61
C LEU A 72 11.68 24.52 -18.17
N GLY A 73 11.74 24.09 -19.43
CA GLY A 73 10.64 23.37 -20.04
C GLY A 73 10.91 21.90 -20.21
N PHE A 74 10.61 21.33 -21.38
CA PHE A 74 10.77 19.89 -21.59
C PHE A 74 11.46 19.44 -22.85
N SER A 75 12.21 20.33 -23.47
CA SER A 75 13.11 19.96 -24.52
C SER A 75 14.25 19.09 -24.00
N LYS A 76 14.93 18.42 -24.90
CA LYS A 76 16.06 17.58 -24.54
C LYS A 76 17.11 18.41 -23.79
N GLU A 77 17.30 19.67 -24.17
CA GLU A 77 18.31 20.51 -23.53
C GLU A 77 17.90 20.90 -22.13
N ASP A 78 16.61 21.16 -21.98
CA ASP A 78 16.09 21.61 -20.71
C ASP A 78 15.97 20.43 -19.72
N ARG A 79 15.58 19.25 -20.19
CA ARG A 79 15.58 18.09 -19.29
C ARG A 79 17.01 17.78 -18.82
N ASP A 80 17.98 17.89 -19.73
CA ASP A 80 19.38 17.69 -19.36
C ASP A 80 19.85 18.71 -18.29
N THR A 81 19.46 19.97 -18.43
CA THR A 81 19.77 20.97 -17.43
C THR A 81 19.12 20.60 -16.10
N ASN A 82 17.87 20.20 -16.20
CA ASN A 82 17.11 19.85 -15.02
C ASN A 82 17.78 18.72 -14.26
N ILE A 83 18.00 17.60 -14.94
CA ILE A 83 18.58 16.43 -14.30
C ILE A 83 19.98 16.69 -13.76
N ARG A 84 20.80 17.39 -14.52
CA ARG A 84 22.16 17.71 -14.11
C ARG A 84 22.19 18.62 -12.92
N ARG A 85 21.24 19.55 -12.86
CA ARG A 85 21.20 20.46 -11.74
C ARG A 85 20.84 19.68 -10.51
N ILE A 86 19.83 18.82 -10.63
CA ILE A 86 19.44 17.93 -9.54
C ILE A 86 20.60 17.05 -9.10
N GLY A 87 21.31 16.49 -10.07
CA GLY A 87 22.50 15.72 -9.77
C GLY A 87 23.50 16.53 -8.96
N PHE A 88 23.66 17.78 -9.35
CA PHE A 88 24.57 18.68 -8.66
C PHE A 88 24.22 18.78 -7.17
N VAL A 89 22.95 19.01 -6.84
CA VAL A 89 22.57 19.20 -5.44
C VAL A 89 22.57 17.87 -4.69
N SER A 90 22.31 16.77 -5.41
CA SER A 90 22.33 15.45 -4.79
C SER A 90 23.77 15.12 -4.38
N HIS A 91 24.70 15.40 -5.30
CA HIS A 91 26.10 15.11 -5.09
C HIS A 91 26.59 15.77 -3.81
N LEU A 92 26.21 17.03 -3.60
CA LEU A 92 26.67 17.75 -2.42
C LEU A 92 26.10 17.12 -1.14
N LEU A 93 24.85 16.75 -1.16
CA LEU A 93 24.24 16.16 0.03
C LEU A 93 24.81 14.76 0.31
N THR A 94 24.88 13.93 -0.73
CA THR A 94 25.33 12.58 -0.57
C THR A 94 26.73 12.52 0.02
N ARG A 95 27.61 13.40 -0.42
CA ARG A 95 28.99 13.35 0.03
C ARG A 95 29.12 13.96 1.43
N ASN A 96 28.02 14.48 1.97
CA ASN A 96 27.97 14.92 3.35
C ASN A 96 27.04 14.06 4.21
N GLY A 97 26.78 12.84 3.73
CA GLY A 97 26.19 11.79 4.54
C GLY A 97 24.67 11.76 4.56
N VAL A 98 24.06 12.27 3.50
CA VAL A 98 22.61 12.38 3.44
C VAL A 98 22.01 11.43 2.43
N ILE A 99 20.98 10.69 2.84
CA ILE A 99 20.20 9.93 1.88
C ILE A 99 19.40 10.90 1.00
N VAL A 100 19.63 10.87 -0.31
CA VAL A 100 18.85 11.73 -1.18
C VAL A 100 17.83 10.93 -1.96
N LEU A 101 16.57 11.30 -1.83
CA LEU A 101 15.50 10.65 -2.58
C LEU A 101 15.11 11.49 -3.79
N VAL A 102 15.58 11.08 -4.96
CA VAL A 102 15.26 11.78 -6.20
C VAL A 102 14.14 11.05 -6.98
N SER A 103 13.13 11.79 -7.44
CA SER A 103 12.20 11.17 -8.35
C SER A 103 11.86 12.11 -9.50
N ALA A 104 12.30 11.69 -10.68
CA ALA A 104 12.22 12.51 -11.88
C ALA A 104 12.24 11.56 -13.05
N ILE A 105 11.51 11.88 -14.11
CA ILE A 105 11.44 10.99 -15.26
C ILE A 105 12.81 10.54 -15.76
N SER A 106 13.77 11.47 -15.86
CA SER A 106 15.13 11.14 -16.29
C SER A 106 15.12 10.31 -17.55
N PRO A 107 14.53 10.81 -18.62
CA PRO A 107 14.25 9.92 -19.75
C PRO A 107 15.51 9.44 -20.48
N TYR A 108 16.62 10.15 -20.35
CA TYR A 108 17.81 9.77 -21.12
C TYR A 108 18.79 8.99 -20.31
N ALA A 109 19.19 7.84 -20.85
CA ALA A 109 20.00 6.93 -20.08
C ALA A 109 21.41 7.48 -19.88
N ALA A 110 21.93 8.19 -20.88
CA ALA A 110 23.29 8.67 -20.80
C ALA A 110 23.45 9.76 -19.73
N ILE A 111 22.40 10.54 -19.52
CA ILE A 111 22.39 11.58 -18.50
C ILE A 111 22.38 10.93 -17.12
N ARG A 112 21.46 9.98 -16.93
CA ARG A 112 21.44 9.19 -15.71
C ARG A 112 22.83 8.61 -15.41
N GLN A 113 23.48 8.04 -16.43
CA GLN A 113 24.76 7.38 -16.24
C GLN A 113 25.82 8.37 -15.84
N GLU A 114 25.77 9.52 -16.49
CA GLU A 114 26.61 10.64 -16.13
C GLU A 114 26.45 10.97 -14.63
N VAL A 115 25.24 11.28 -14.17
CA VAL A 115 25.00 11.63 -12.76
C VAL A 115 25.46 10.52 -11.79
N LYS A 116 25.17 9.26 -12.13
CA LYS A 116 25.65 8.15 -11.32
C LYS A 116 27.17 8.19 -11.14
N HIS A 117 27.88 8.41 -12.22
CA HIS A 117 29.34 8.45 -12.20
C HIS A 117 29.83 9.56 -11.27
N THR A 118 29.16 10.71 -11.33
CA THR A 118 29.49 11.87 -10.53
C THR A 118 29.28 11.71 -9.02
N ILE A 119 28.23 10.98 -8.63
CA ILE A 119 27.91 10.81 -7.21
C ILE A 119 28.50 9.53 -6.61
N GLY A 120 28.71 8.51 -7.44
CA GLY A 120 29.30 7.24 -7.02
C GLY A 120 28.34 6.41 -6.21
N ASP A 121 28.07 6.86 -4.98
CA ASP A 121 27.08 6.22 -4.11
C ASP A 121 25.68 6.46 -4.64
N PHE A 122 25.26 5.58 -5.54
CA PHE A 122 24.10 5.82 -6.37
C PHE A 122 23.34 4.53 -6.63
N LEU A 123 22.07 4.48 -6.21
CA LEU A 123 21.17 3.37 -6.59
C LEU A 123 20.12 3.81 -7.59
N GLU A 124 20.23 3.33 -8.83
CA GLU A 124 19.16 3.52 -9.83
C GLU A 124 17.96 2.64 -9.52
N VAL A 125 16.80 3.25 -9.34
CA VAL A 125 15.56 2.49 -9.18
C VAL A 125 14.62 2.70 -10.36
N PHE A 126 14.40 1.64 -11.14
CA PHE A 126 13.50 1.72 -12.28
C PHE A 126 12.06 1.49 -11.80
N VAL A 127 11.30 2.58 -11.65
CA VAL A 127 9.88 2.49 -11.35
C VAL A 127 9.15 2.18 -12.65
N ASN A 128 8.80 0.90 -12.84
CA ASN A 128 8.36 0.43 -14.14
C ASN A 128 6.89 0.07 -14.22
N ALA A 129 6.14 0.90 -14.91
CA ALA A 129 4.76 0.58 -15.21
C ALA A 129 4.66 0.63 -16.71
N PRO A 130 3.97 -0.34 -17.32
CA PRO A 130 3.84 -0.18 -18.77
C PRO A 130 3.07 1.10 -19.05
N LEU A 131 3.39 1.70 -20.19
CA LEU A 131 2.76 2.93 -20.66
C LEU A 131 1.25 2.82 -20.62
N ALA A 132 0.71 1.68 -21.05
CA ALA A 132 -0.74 1.45 -21.05
C ALA A 132 -1.36 1.60 -19.67
N VAL A 133 -0.61 1.24 -18.64
CA VAL A 133 -1.05 1.34 -17.26
C VAL A 133 -0.99 2.79 -16.83
N CYS A 134 0.17 3.39 -17.07
CA CYS A 134 0.39 4.78 -16.73
C CYS A 134 -0.72 5.66 -17.32
N GLU A 135 -1.15 5.32 -18.52
CA GLU A 135 -2.10 6.11 -19.27
C GLU A 135 -3.55 5.89 -18.81
N GLU A 136 -3.94 4.65 -18.60
CA GLU A 136 -5.24 4.35 -18.00
C GLU A 136 -5.33 4.94 -16.57
N ARG A 137 -4.20 5.08 -15.89
CA ARG A 137 -4.19 5.71 -14.55
C ARG A 137 -4.46 7.20 -14.64
N ASP A 138 -3.82 7.82 -15.63
CA ASP A 138 -3.83 9.28 -15.91
C ASP A 138 -4.04 10.15 -14.67
N VAL A 139 -3.12 10.00 -13.72
CA VAL A 139 -3.21 10.60 -12.41
C VAL A 139 -3.55 12.09 -12.42
N LYS A 140 -3.00 12.83 -13.39
CA LYS A 140 -3.19 14.29 -13.43
C LYS A 140 -3.78 14.74 -14.76
N GLY A 141 -4.35 13.80 -15.53
CA GLY A 141 -5.00 14.10 -16.79
C GLY A 141 -4.06 14.42 -17.94
N LEU A 142 -2.77 14.37 -17.67
CA LEU A 142 -1.76 14.74 -18.65
C LEU A 142 -1.76 13.90 -19.92
N TYR A 143 -1.92 12.58 -19.80
CA TYR A 143 -1.79 11.70 -20.96
C TYR A 143 -2.85 12.06 -22.03
N ALA A 144 -4.10 12.28 -21.61
CA ALA A 144 -5.15 12.64 -22.57
C ALA A 144 -4.74 13.91 -23.30
N LYS A 145 -4.15 14.86 -22.56
CA LYS A 145 -3.73 16.11 -23.18
C LYS A 145 -2.62 15.85 -24.19
N ALA A 146 -1.88 14.79 -23.97
CA ALA A 146 -0.76 14.50 -24.82
C ALA A 146 -1.29 13.87 -26.10
N ARG A 147 -2.36 13.09 -25.97
CA ARG A 147 -2.97 12.47 -27.13
C ARG A 147 -3.79 13.46 -27.97
N SER A 148 -4.42 14.43 -27.31
CA SER A 148 -5.24 15.41 -28.01
C SER A 148 -4.35 16.25 -28.89
N GLY A 149 -3.08 16.28 -28.55
CA GLY A 149 -2.15 17.22 -29.13
C GLY A 149 -1.98 18.46 -28.28
N GLU A 150 -2.80 18.61 -27.23
CA GLU A 150 -2.71 19.78 -26.34
C GLU A 150 -1.29 20.04 -25.83
N ILE A 151 -0.65 19.00 -25.32
CA ILE A 151 0.75 19.06 -24.89
C ILE A 151 1.67 18.30 -25.85
N LYS A 152 2.74 18.94 -26.31
CA LYS A 152 3.66 18.27 -27.24
C LYS A 152 4.88 17.73 -26.50
N GLY A 153 5.52 16.73 -27.10
CA GLY A 153 6.71 16.15 -26.52
C GLY A 153 6.47 15.56 -25.14
N PHE A 154 5.33 14.90 -24.95
CA PHE A 154 5.14 14.25 -23.67
C PHE A 154 5.81 12.90 -23.70
N THR A 155 6.62 12.67 -22.66
CA THR A 155 7.41 11.46 -22.49
C THR A 155 6.61 10.17 -22.63
N GLY A 156 7.09 9.26 -23.49
CA GLY A 156 6.41 8.01 -23.80
C GLY A 156 5.30 8.12 -24.84
N ILE A 157 5.00 9.33 -25.30
CA ILE A 157 3.91 9.55 -26.26
C ILE A 157 4.41 10.22 -27.56
N ASP A 158 5.01 11.40 -27.47
CA ASP A 158 5.96 11.73 -28.53
C ASP A 158 7.20 12.41 -27.96
N ASP A 159 7.86 11.71 -27.05
CA ASP A 159 9.20 12.06 -26.57
C ASP A 159 9.76 10.77 -25.96
N PRO A 160 11.07 10.56 -26.07
CA PRO A 160 11.57 9.23 -25.68
C PRO A 160 11.51 8.92 -24.19
N TYR A 161 11.55 7.63 -23.89
CA TYR A 161 11.94 7.20 -22.57
C TYR A 161 12.87 6.01 -22.70
N GLU A 162 14.09 6.16 -22.21
CA GLU A 162 15.10 5.10 -22.29
C GLU A 162 15.19 4.29 -21.01
N PRO A 163 14.62 3.07 -21.03
CA PRO A 163 14.55 2.21 -19.85
C PRO A 163 15.95 1.85 -19.39
N PRO A 164 16.22 1.91 -18.07
CA PRO A 164 17.44 1.36 -17.48
C PRO A 164 17.67 -0.11 -17.85
N THR A 165 18.78 -0.39 -18.51
CA THR A 165 18.99 -1.79 -18.88
C THR A 165 19.45 -2.61 -17.66
N ASN A 166 20.28 -2.03 -16.78
CA ASN A 166 20.72 -2.72 -15.56
C ASN A 166 20.60 -1.88 -14.29
N PRO A 167 19.38 -1.67 -13.81
CA PRO A 167 19.07 -0.90 -12.60
C PRO A 167 19.32 -1.68 -11.33
N ASP A 168 19.48 -0.98 -10.22
CA ASP A 168 19.75 -1.64 -8.98
C ASP A 168 18.50 -2.29 -8.39
N VAL A 169 17.36 -1.64 -8.56
CA VAL A 169 16.08 -2.21 -8.16
C VAL A 169 15.08 -1.94 -9.28
N GLU A 170 14.13 -2.85 -9.49
CA GLU A 170 13.02 -2.60 -10.42
C GLU A 170 11.70 -2.79 -9.69
N CYS A 171 10.88 -1.75 -9.68
CA CYS A 171 9.57 -1.85 -9.08
C CYS A 171 8.52 -1.88 -10.15
N ARG A 172 7.96 -3.06 -10.40
CA ARG A 172 6.89 -3.17 -11.37
C ARG A 172 5.58 -2.87 -10.67
N THR A 173 5.02 -1.69 -10.93
CA THR A 173 3.97 -1.21 -10.04
C THR A 173 2.56 -1.61 -10.52
N ASP A 174 2.44 -2.18 -11.72
CA ASP A 174 1.20 -2.85 -12.04
C ASP A 174 1.13 -4.09 -11.12
N LEU A 175 2.23 -4.84 -11.05
CA LEU A 175 2.28 -6.09 -10.29
C LEU A 175 2.36 -5.92 -8.76
N GLU A 176 3.21 -4.99 -8.32
CA GLU A 176 3.52 -4.78 -6.91
C GLU A 176 2.59 -3.85 -6.11
N GLU A 177 2.48 -4.12 -4.81
CA GLU A 177 1.77 -3.25 -3.89
C GLU A 177 2.82 -2.29 -3.30
N LEU A 178 2.39 -1.13 -2.80
CA LEU A 178 3.32 -0.09 -2.37
C LEU A 178 4.34 -0.60 -1.36
N ASP A 179 3.91 -1.43 -0.43
CA ASP A 179 4.81 -1.94 0.60
C ASP A 179 5.90 -2.81 0.02
N GLU A 180 5.60 -3.57 -1.02
CA GLU A 180 6.61 -4.42 -1.64
C GLU A 180 7.59 -3.56 -2.41
N SER A 181 7.07 -2.57 -3.12
CA SER A 181 7.92 -1.70 -3.90
C SER A 181 8.89 -0.94 -3.00
N VAL A 182 8.39 -0.46 -1.87
CA VAL A 182 9.27 0.16 -0.88
C VAL A 182 10.21 -0.90 -0.27
N GLY A 183 9.65 -2.05 0.09
CA GLY A 183 10.46 -3.12 0.66
C GLY A 183 11.67 -3.49 -0.16
N LYS A 184 11.51 -3.57 -1.48
CA LYS A 184 12.62 -3.85 -2.40
C LYS A 184 13.78 -2.87 -2.28
N ILE A 185 13.44 -1.58 -2.32
CA ILE A 185 14.43 -0.53 -2.15
C ILE A 185 15.05 -0.59 -0.76
N TRP A 186 14.21 -0.64 0.27
CA TRP A 186 14.72 -0.73 1.62
C TRP A 186 15.74 -1.86 1.75
N GLN A 187 15.39 -3.01 1.20
CA GLN A 187 16.25 -4.18 1.26
C GLN A 187 17.60 -3.97 0.56
N LYS A 188 17.62 -3.26 -0.58
CA LYS A 188 18.89 -3.00 -1.27
C LYS A 188 19.80 -2.17 -0.38
N LEU A 189 19.21 -1.22 0.32
CA LEU A 189 19.96 -0.33 1.20
C LEU A 189 20.61 -1.13 2.32
N VAL A 190 19.95 -2.21 2.72
CA VAL A 190 20.49 -2.98 3.80
C VAL A 190 21.64 -3.85 3.26
N ASP A 191 21.41 -4.52 2.14
CA ASP A 191 22.43 -5.33 1.48
C ASP A 191 23.73 -4.56 1.20
N LEU A 192 23.60 -3.29 0.80
CA LEU A 192 24.73 -2.45 0.41
C LEU A 192 25.28 -1.70 1.61
N LYS A 193 24.69 -1.99 2.77
CA LYS A 193 25.10 -1.40 4.03
C LYS A 193 25.07 0.15 4.02
N TYR A 194 23.95 0.71 3.58
CA TYR A 194 23.70 2.16 3.66
C TYR A 194 22.86 2.47 4.89
N ILE A 195 22.19 1.45 5.41
CA ILE A 195 21.38 1.57 6.63
C ILE A 195 21.42 0.28 7.48
N GLU A 196 21.24 0.43 8.80
CA GLU A 196 21.27 -0.68 9.79
C GLU A 196 20.55 -1.95 9.32
N ARG B 24 -26.60 -2.04 9.99
CA ARG B 24 -25.19 -2.10 10.31
C ARG B 24 -24.54 -3.34 9.68
N GLY B 25 -25.13 -4.52 9.89
CA GLY B 25 -24.58 -5.79 9.38
C GLY B 25 -24.64 -5.99 7.87
N VAL B 26 -23.53 -6.44 7.28
CA VAL B 26 -23.40 -6.55 5.82
C VAL B 26 -22.36 -7.60 5.38
N THR B 27 -22.56 -8.19 4.21
CA THR B 27 -21.50 -8.99 3.62
C THR B 27 -20.80 -8.18 2.53
N ILE B 28 -19.48 -8.06 2.65
CA ILE B 28 -18.67 -7.53 1.57
C ILE B 28 -18.04 -8.70 0.87
N TRP B 29 -18.40 -8.90 -0.38
CA TRP B 29 -18.01 -10.09 -1.11
C TRP B 29 -17.03 -9.81 -2.25
N LEU B 30 -15.77 -10.19 -2.04
CA LEU B 30 -14.73 -9.94 -3.02
C LEU B 30 -14.58 -11.11 -3.99
N THR B 31 -14.92 -10.87 -5.25
CA THR B 31 -14.75 -11.86 -6.26
C THR B 31 -13.66 -11.43 -7.24
N GLY B 32 -12.97 -12.39 -7.84
CA GLY B 32 -11.92 -12.07 -8.78
C GLY B 32 -11.03 -13.24 -9.11
N LEU B 33 -10.18 -13.07 -10.12
CA LEU B 33 -9.22 -14.10 -10.51
C LEU B 33 -8.27 -14.41 -9.36
N SER B 34 -7.59 -15.55 -9.43
CA SER B 34 -6.53 -15.82 -8.48
C SER B 34 -5.33 -14.91 -8.73
N GLY B 35 -4.82 -14.27 -7.68
CA GLY B 35 -3.75 -13.30 -7.81
C GLY B 35 -4.24 -11.87 -7.97
N ALA B 36 -5.55 -11.71 -8.14
CA ALA B 36 -6.10 -10.39 -8.41
C ALA B 36 -5.97 -9.43 -7.22
N GLY B 37 -5.96 -9.95 -5.98
CA GLY B 37 -5.85 -9.09 -4.80
C GLY B 37 -6.86 -9.26 -3.66
N LYS B 38 -7.80 -10.19 -3.83
CA LYS B 38 -8.84 -10.43 -2.85
C LYS B 38 -8.37 -10.57 -1.40
N THR B 39 -7.42 -11.47 -1.14
CA THR B 39 -6.99 -11.68 0.24
C THR B 39 -6.27 -10.43 0.77
N THR B 40 -5.45 -9.81 -0.06
CA THR B 40 -4.68 -8.64 0.33
C THR B 40 -5.58 -7.44 0.72
N ILE B 41 -6.61 -7.17 -0.08
CA ILE B 41 -7.57 -6.11 0.27
C ILE B 41 -8.33 -6.49 1.54
N THR B 42 -8.75 -7.74 1.59
CA THR B 42 -9.41 -8.29 2.75
C THR B 42 -8.66 -8.03 4.07
N HIS B 43 -7.38 -8.38 4.14
CA HIS B 43 -6.67 -8.31 5.41
C HIS B 43 -6.45 -6.86 5.79
N ALA B 44 -6.32 -6.01 4.79
CA ALA B 44 -6.10 -4.59 5.05
C ALA B 44 -7.41 -3.92 5.47
N LEU B 45 -8.50 -4.30 4.81
CA LEU B 45 -9.81 -3.76 5.13
C LEU B 45 -10.15 -4.17 6.55
N GLU B 46 -10.04 -5.47 6.81
CA GLU B 46 -10.17 -6.01 8.17
C GLU B 46 -9.47 -5.18 9.24
N LYS B 47 -8.17 -4.93 9.11
CA LYS B 47 -7.44 -4.18 10.13
C LYS B 47 -8.01 -2.77 10.32
N LYS B 48 -8.40 -2.14 9.21
CA LYS B 48 -8.96 -0.79 9.26
C LYS B 48 -10.34 -0.74 9.95
N LEU B 49 -11.20 -1.71 9.64
CA LEU B 49 -12.47 -1.85 10.33
C LEU B 49 -12.28 -2.27 11.77
N ARG B 50 -11.28 -3.12 12.03
CA ARG B 50 -11.06 -3.63 13.37
C ARG B 50 -10.54 -2.54 14.29
N ASP B 51 -9.63 -1.72 13.78
CA ASP B 51 -9.07 -0.64 14.59
C ASP B 51 -10.14 0.35 15.03
N SER B 52 -11.14 0.55 14.17
CA SER B 52 -12.29 1.39 14.46
C SER B 52 -13.34 0.61 15.23
N GLY B 53 -12.95 -0.50 15.84
CA GLY B 53 -13.81 -1.23 16.74
C GLY B 53 -15.08 -1.78 16.14
N TYR B 54 -15.16 -1.80 14.81
CA TYR B 54 -16.25 -2.52 14.16
C TYR B 54 -15.95 -3.99 14.39
N ARG B 55 -16.96 -4.84 14.40
CA ARG B 55 -16.68 -6.27 14.55
C ARG B 55 -17.22 -6.96 13.31
N LEU B 56 -16.36 -7.80 12.74
CA LEU B 56 -16.50 -8.43 11.43
C LEU B 56 -15.98 -9.86 11.47
N GLU B 57 -16.23 -10.66 10.43
CA GLU B 57 -15.52 -11.93 10.31
C GLU B 57 -15.02 -12.04 8.90
N VAL B 58 -13.95 -12.81 8.74
CA VAL B 58 -13.40 -13.04 7.42
C VAL B 58 -13.57 -14.49 7.02
N LEU B 59 -14.15 -14.70 5.86
CA LEU B 59 -14.15 -16.02 5.24
C LEU B 59 -13.31 -15.93 3.96
N ASP B 60 -12.05 -16.34 4.04
CA ASP B 60 -11.19 -16.42 2.86
C ASP B 60 -11.32 -17.80 2.22
N GLY B 61 -11.54 -17.80 0.91
CA GLY B 61 -11.80 -19.03 0.18
C GLY B 61 -10.80 -20.14 0.42
N ASP B 62 -9.51 -19.79 0.43
CA ASP B 62 -8.48 -20.79 0.67
C ASP B 62 -8.58 -21.33 2.08
N VAL B 63 -8.84 -20.44 3.03
CA VAL B 63 -8.87 -20.88 4.42
C VAL B 63 -10.09 -21.71 4.80
N VAL B 64 -11.28 -21.36 4.35
CA VAL B 64 -12.42 -22.21 4.70
C VAL B 64 -12.34 -23.55 4.00
N ARG B 65 -11.49 -23.65 2.98
CA ARG B 65 -11.29 -24.94 2.35
C ARG B 65 -10.47 -25.86 3.25
N THR B 66 -9.87 -25.31 4.30
CA THR B 66 -9.18 -26.11 5.28
C THR B 66 -10.17 -26.77 6.25
N ASN B 67 -11.37 -26.18 6.39
CA ASN B 67 -12.35 -26.64 7.39
C ASN B 67 -13.83 -26.73 6.93
N LEU B 68 -14.49 -25.59 6.75
CA LEU B 68 -15.93 -25.55 6.49
C LEU B 68 -16.26 -26.14 5.13
N THR B 69 -15.35 -26.00 4.18
CA THR B 69 -15.53 -26.59 2.87
C THR B 69 -14.37 -27.52 2.57
N LYS B 70 -13.79 -28.06 3.63
CA LYS B 70 -12.78 -29.08 3.51
C LYS B 70 -13.31 -30.25 2.69
N GLY B 71 -12.45 -30.77 1.82
CA GLY B 71 -12.79 -31.94 1.05
C GLY B 71 -13.28 -31.64 -0.35
N LEU B 72 -13.89 -30.47 -0.52
CA LEU B 72 -14.38 -30.04 -1.83
C LEU B 72 -13.23 -29.79 -2.81
N GLY B 73 -13.45 -30.12 -4.08
CA GLY B 73 -12.54 -29.79 -5.17
C GLY B 73 -12.93 -28.52 -5.92
N PHE B 74 -12.60 -28.45 -7.21
CA PHE B 74 -12.85 -27.22 -7.99
C PHE B 74 -13.72 -27.39 -9.22
N SER B 75 -14.38 -28.53 -9.33
CA SER B 75 -15.39 -28.71 -10.34
C SER B 75 -16.56 -27.75 -10.08
N LYS B 76 -17.44 -27.59 -11.05
CA LYS B 76 -18.52 -26.63 -10.91
C LYS B 76 -19.44 -26.99 -9.74
N GLU B 77 -19.65 -28.28 -9.53
CA GLU B 77 -20.49 -28.75 -8.43
C GLU B 77 -19.85 -28.34 -7.12
N ASP B 78 -18.56 -28.61 -6.98
CA ASP B 78 -17.89 -28.39 -5.71
C ASP B 78 -17.73 -26.90 -5.44
N ARG B 79 -17.54 -26.12 -6.50
CA ARG B 79 -17.46 -24.68 -6.35
C ARG B 79 -18.76 -24.05 -5.92
N ASP B 80 -19.87 -24.57 -6.43
CA ASP B 80 -21.21 -24.13 -6.07
C ASP B 80 -21.49 -24.42 -4.60
N THR B 81 -21.05 -25.58 -4.13
CA THR B 81 -21.23 -25.95 -2.73
C THR B 81 -20.36 -25.09 -1.81
N ASN B 82 -19.16 -24.78 -2.27
CA ASN B 82 -18.26 -23.91 -1.55
C ASN B 82 -18.88 -22.55 -1.33
N ILE B 83 -19.27 -21.90 -2.43
CA ILE B 83 -19.83 -20.57 -2.39
C ILE B 83 -21.15 -20.54 -1.61
N ARG B 84 -22.02 -21.50 -1.85
CA ARG B 84 -23.29 -21.59 -1.14
C ARG B 84 -23.10 -21.78 0.36
N ARG B 85 -22.14 -22.61 0.73
CA ARG B 85 -21.96 -22.87 2.14
C ARG B 85 -21.40 -21.65 2.82
N ILE B 86 -20.49 -20.98 2.15
CA ILE B 86 -19.95 -19.72 2.65
C ILE B 86 -21.07 -18.69 2.78
N GLY B 87 -21.87 -18.59 1.72
CA GLY B 87 -23.03 -17.72 1.74
C GLY B 87 -23.99 -18.02 2.89
N PHE B 88 -24.21 -19.29 3.19
CA PHE B 88 -25.09 -19.69 4.29
C PHE B 88 -24.57 -19.12 5.61
N VAL B 89 -23.28 -19.28 5.87
CA VAL B 89 -22.68 -18.79 7.10
C VAL B 89 -22.61 -17.27 7.07
N SER B 90 -22.42 -16.72 5.88
CA SER B 90 -22.37 -15.27 5.75
C SER B 90 -23.72 -14.70 6.11
N HIS B 91 -24.77 -15.37 5.65
CA HIS B 91 -26.13 -14.95 5.94
C HIS B 91 -26.40 -14.99 7.45
N LEU B 92 -25.86 -15.99 8.15
CA LEU B 92 -26.14 -16.11 9.57
C LEU B 92 -25.45 -15.02 10.34
N LEU B 93 -24.29 -14.60 9.84
CA LEU B 93 -23.51 -13.56 10.50
C LEU B 93 -24.05 -12.15 10.21
N THR B 94 -24.50 -11.94 8.98
CA THR B 94 -25.05 -10.66 8.60
C THR B 94 -26.37 -10.34 9.32
N ARG B 95 -27.27 -11.31 9.45
CA ARG B 95 -28.54 -10.98 10.04
C ARG B 95 -28.39 -10.71 11.54
N ASN B 96 -27.24 -11.05 12.09
CA ASN B 96 -26.95 -10.73 13.48
C ASN B 96 -26.01 -9.52 13.58
N GLY B 97 -25.83 -8.81 12.47
CA GLY B 97 -25.17 -7.51 12.51
C GLY B 97 -23.66 -7.47 12.37
N VAL B 98 -23.07 -8.63 12.10
CA VAL B 98 -21.65 -8.70 11.83
C VAL B 98 -21.32 -8.25 10.40
N ILE B 99 -20.15 -7.66 10.20
CA ILE B 99 -19.68 -7.37 8.86
C ILE B 99 -18.92 -8.59 8.33
N VAL B 100 -19.27 -9.06 7.14
CA VAL B 100 -18.53 -10.20 6.61
C VAL B 100 -17.64 -9.83 5.43
N LEU B 101 -16.36 -10.19 5.52
CA LEU B 101 -15.45 -10.07 4.40
C LEU B 101 -15.26 -11.43 3.78
N VAL B 102 -15.79 -11.59 2.58
CA VAL B 102 -15.61 -12.84 1.86
C VAL B 102 -14.58 -12.65 0.76
N SER B 103 -13.67 -13.61 0.67
CA SER B 103 -12.57 -13.56 -0.26
C SER B 103 -12.55 -14.87 -1.06
N ALA B 104 -13.19 -14.89 -2.21
CA ALA B 104 -13.29 -16.11 -3.00
C ALA B 104 -13.38 -15.78 -4.46
N ILE B 105 -12.84 -16.65 -5.31
CA ILE B 105 -12.98 -16.43 -6.72
C ILE B 105 -14.45 -16.19 -7.10
N SER B 106 -15.34 -17.05 -6.63
CA SER B 106 -16.75 -16.92 -6.97
C SER B 106 -17.00 -16.85 -8.47
N PRO B 107 -16.46 -17.80 -9.23
CA PRO B 107 -16.44 -17.69 -10.70
C PRO B 107 -17.80 -17.51 -11.39
N TYR B 108 -18.88 -18.03 -10.83
CA TYR B 108 -20.15 -18.01 -11.56
C TYR B 108 -21.13 -16.96 -11.04
N ALA B 109 -21.60 -16.13 -11.96
CA ALA B 109 -22.43 -14.97 -11.61
C ALA B 109 -23.78 -15.35 -11.04
N ALA B 110 -24.33 -16.46 -11.50
CA ALA B 110 -25.63 -16.89 -10.98
C ALA B 110 -25.53 -17.25 -9.49
N ILE B 111 -24.45 -17.94 -9.11
CA ILE B 111 -24.28 -18.33 -7.71
C ILE B 111 -24.08 -17.10 -6.85
N ARG B 112 -23.31 -16.13 -7.36
CA ARG B 112 -23.20 -14.84 -6.70
C ARG B 112 -24.58 -14.13 -6.55
N GLN B 113 -25.37 -14.04 -7.62
CA GLN B 113 -26.66 -13.35 -7.54
C GLN B 113 -27.59 -14.06 -6.58
N GLU B 114 -27.48 -15.38 -6.58
CA GLU B 114 -28.22 -16.24 -5.68
C GLU B 114 -27.90 -15.91 -4.22
N VAL B 115 -26.62 -15.72 -3.91
CA VAL B 115 -26.24 -15.48 -2.54
C VAL B 115 -26.58 -14.06 -2.14
N LYS B 116 -26.50 -13.13 -3.09
CA LYS B 116 -26.86 -11.73 -2.82
C LYS B 116 -28.31 -11.65 -2.33
N HIS B 117 -29.20 -12.25 -3.12
CA HIS B 117 -30.63 -12.34 -2.87
C HIS B 117 -30.95 -12.92 -1.47
N THR B 118 -30.24 -13.99 -1.12
CA THR B 118 -30.40 -14.64 0.18
C THR B 118 -30.06 -13.73 1.34
N ILE B 119 -28.92 -13.04 1.21
CA ILE B 119 -28.36 -12.22 2.28
C ILE B 119 -28.94 -10.78 2.32
N GLY B 120 -29.27 -10.22 1.15
CA GLY B 120 -29.90 -8.91 1.07
C GLY B 120 -28.93 -7.76 1.23
N ASP B 121 -28.52 -7.51 2.47
CA ASP B 121 -27.46 -6.53 2.73
C ASP B 121 -26.10 -7.07 2.30
N PHE B 122 -25.73 -6.79 1.06
CA PHE B 122 -24.64 -7.49 0.37
C PHE B 122 -23.95 -6.56 -0.62
N LEU B 123 -22.66 -6.34 -0.41
CA LEU B 123 -21.86 -5.56 -1.36
C LEU B 123 -20.92 -6.41 -2.21
N GLU B 124 -21.12 -6.37 -3.53
CA GLU B 124 -20.28 -7.09 -4.47
C GLU B 124 -19.09 -6.26 -4.93
N VAL B 125 -17.89 -6.77 -4.64
CA VAL B 125 -16.65 -6.08 -5.01
C VAL B 125 -15.86 -6.87 -6.03
N PHE B 126 -15.74 -6.31 -7.23
CA PHE B 126 -14.95 -6.90 -8.31
C PHE B 126 -13.46 -6.55 -8.15
N VAL B 127 -12.68 -7.47 -7.60
CA VAL B 127 -11.24 -7.26 -7.58
C VAL B 127 -10.74 -7.65 -8.96
N ASN B 128 -10.43 -6.61 -9.73
CA ASN B 128 -10.23 -6.77 -11.16
C ASN B 128 -8.80 -6.53 -11.60
N ALA B 129 -8.04 -7.61 -11.75
CA ALA B 129 -6.74 -7.50 -12.37
C ALA B 129 -6.84 -8.26 -13.64
N PRO B 130 -6.27 -7.71 -14.72
CA PRO B 130 -6.19 -8.52 -15.93
C PRO B 130 -5.45 -9.84 -15.71
N LEU B 131 -5.83 -10.85 -16.46
CA LEU B 131 -5.19 -12.16 -16.39
C LEU B 131 -3.68 -12.09 -16.62
N ALA B 132 -3.23 -11.15 -17.43
CA ALA B 132 -1.81 -10.96 -17.70
C ALA B 132 -1.05 -10.61 -16.43
N VAL B 133 -1.67 -9.72 -15.64
CA VAL B 133 -1.08 -9.21 -14.42
C VAL B 133 -1.07 -10.31 -13.35
N CYS B 134 -2.22 -10.93 -13.13
CA CYS B 134 -2.32 -12.05 -12.19
C CYS B 134 -1.32 -13.17 -12.50
N GLU B 135 -1.21 -13.50 -13.78
CA GLU B 135 -0.31 -14.56 -14.22
C GLU B 135 1.16 -14.23 -13.96
N GLU B 136 1.53 -12.96 -14.10
CA GLU B 136 2.92 -12.56 -13.94
C GLU B 136 3.27 -12.36 -12.47
N ARG B 137 2.27 -11.97 -11.67
CA ARG B 137 2.46 -12.01 -10.24
C ARG B 137 2.78 -13.46 -9.88
N ASP B 138 1.95 -14.36 -10.41
CA ASP B 138 1.93 -15.80 -10.13
C ASP B 138 2.24 -16.07 -8.68
N VAL B 139 1.45 -15.43 -7.81
CA VAL B 139 1.78 -15.34 -6.40
C VAL B 139 2.17 -16.69 -5.79
N LYS B 140 1.35 -17.71 -6.06
CA LYS B 140 1.56 -19.04 -5.50
C LYS B 140 2.14 -20.06 -6.50
N GLY B 141 2.63 -19.58 -7.65
CA GLY B 141 3.19 -20.44 -8.67
C GLY B 141 2.17 -21.30 -9.41
N LEU B 142 0.90 -21.15 -9.07
CA LEU B 142 -0.16 -21.94 -9.65
C LEU B 142 -0.38 -21.75 -11.17
N TYR B 143 -0.17 -20.53 -11.65
CA TYR B 143 -0.53 -20.25 -13.04
C TYR B 143 0.37 -21.07 -13.98
N ALA B 144 1.65 -21.22 -13.61
CA ALA B 144 2.56 -22.08 -14.36
C ALA B 144 2.04 -23.53 -14.40
N LYS B 145 1.51 -23.99 -13.27
CA LYS B 145 1.04 -25.35 -13.16
C LYS B 145 -0.17 -25.58 -14.04
N ALA B 146 -0.97 -24.53 -14.21
CA ALA B 146 -2.14 -24.61 -15.06
C ALA B 146 -1.71 -24.63 -16.53
N ARG B 147 -0.76 -23.79 -16.88
CA ARG B 147 -0.25 -23.78 -18.24
C ARG B 147 0.47 -25.09 -18.60
N SER B 148 1.09 -25.74 -17.63
CA SER B 148 1.86 -26.96 -17.88
C SER B 148 0.93 -28.16 -18.06
N GLY B 149 -0.31 -27.98 -17.64
CA GLY B 149 -1.24 -29.09 -17.60
C GLY B 149 -1.22 -29.76 -16.25
N GLU B 150 -0.29 -29.38 -15.36
CA GLU B 150 -0.21 -30.05 -14.07
C GLU B 150 -1.50 -29.89 -13.27
N ILE B 151 -2.10 -28.70 -13.28
CA ILE B 151 -3.38 -28.51 -12.62
C ILE B 151 -4.46 -28.25 -13.64
N LYS B 152 -5.52 -29.06 -13.65
CA LYS B 152 -6.57 -28.87 -14.65
C LYS B 152 -7.70 -27.99 -14.11
N GLY B 153 -8.41 -27.31 -15.00
CA GLY B 153 -9.55 -26.53 -14.59
C GLY B 153 -9.21 -25.34 -13.70
N PHE B 154 -8.05 -24.75 -13.93
CA PHE B 154 -7.71 -23.56 -13.18
C PHE B 154 -8.47 -22.36 -13.73
N THR B 155 -9.08 -21.58 -12.84
CA THR B 155 -9.91 -20.45 -13.25
C THR B 155 -9.15 -19.44 -14.11
N GLY B 156 -9.76 -19.09 -15.25
CA GLY B 156 -9.21 -18.11 -16.18
C GLY B 156 -8.30 -18.74 -17.22
N ILE B 157 -7.99 -20.02 -17.05
CA ILE B 157 -7.06 -20.72 -17.92
C ILE B 157 -7.76 -21.91 -18.57
N ASP B 158 -8.47 -22.66 -17.77
CA ASP B 158 -9.10 -23.89 -18.20
C ASP B 158 -10.48 -23.98 -17.51
N ASP B 159 -10.99 -22.85 -17.04
CA ASP B 159 -12.25 -22.82 -16.33
C ASP B 159 -12.78 -21.39 -16.36
N PRO B 160 -14.11 -21.23 -16.38
CA PRO B 160 -14.71 -19.89 -16.46
C PRO B 160 -14.38 -18.98 -15.29
N TYR B 161 -14.37 -17.68 -15.60
CA TYR B 161 -14.60 -16.64 -14.63
C TYR B 161 -15.56 -15.61 -15.26
N GLU B 162 -16.73 -15.46 -14.66
CA GLU B 162 -17.75 -14.56 -15.18
C GLU B 162 -17.77 -13.25 -14.41
N PRO B 163 -17.18 -12.20 -14.99
CA PRO B 163 -17.02 -10.86 -14.44
C PRO B 163 -18.34 -10.29 -13.97
N PRO B 164 -18.39 -9.73 -12.76
CA PRO B 164 -19.53 -8.95 -12.27
C PRO B 164 -19.89 -7.85 -13.27
N THR B 165 -21.14 -7.81 -13.72
CA THR B 165 -21.48 -6.85 -14.77
C THR B 165 -21.87 -5.51 -14.15
N ASN B 166 -22.47 -5.55 -12.96
CA ASN B 166 -22.81 -4.31 -12.26
C ASN B 166 -22.51 -4.37 -10.75
N PRO B 167 -21.21 -4.44 -10.41
CA PRO B 167 -20.79 -4.58 -9.02
C PRO B 167 -20.95 -3.28 -8.30
N ASP B 168 -20.89 -3.32 -6.98
CA ASP B 168 -21.02 -2.12 -6.17
C ASP B 168 -19.72 -1.31 -6.21
N VAL B 169 -18.60 -2.04 -6.22
CA VAL B 169 -17.27 -1.46 -6.24
C VAL B 169 -16.39 -2.24 -7.22
N GLU B 170 -15.49 -1.55 -7.91
CA GLU B 170 -14.52 -2.19 -8.80
C GLU B 170 -13.09 -1.77 -8.43
N CYS B 171 -12.25 -2.72 -8.07
CA CYS B 171 -10.87 -2.37 -7.76
C CYS B 171 -9.99 -2.92 -8.83
N ARG B 172 -9.28 -2.04 -9.51
CA ARG B 172 -8.33 -2.51 -10.48
C ARG B 172 -6.95 -2.46 -9.86
N THR B 173 -6.56 -3.57 -9.26
CA THR B 173 -5.31 -3.62 -8.51
C THR B 173 -4.06 -3.36 -9.34
N ASP B 174 -4.13 -3.52 -10.66
CA ASP B 174 -2.99 -3.18 -11.49
C ASP B 174 -2.81 -1.66 -11.47
N LEU B 175 -3.91 -0.94 -11.62
CA LEU B 175 -3.89 0.52 -11.58
C LEU B 175 -3.74 1.08 -10.17
N GLU B 176 -4.46 0.52 -9.20
CA GLU B 176 -4.54 1.10 -7.85
C GLU B 176 -3.51 0.55 -6.87
N GLU B 177 -3.14 1.37 -5.89
CA GLU B 177 -2.34 0.92 -4.75
C GLU B 177 -3.33 0.38 -3.72
N LEU B 178 -2.83 -0.22 -2.66
CA LEU B 178 -3.71 -0.95 -1.75
C LEU B 178 -4.65 -0.03 -0.96
N ASP B 179 -4.20 1.16 -0.57
CA ASP B 179 -5.00 2.07 0.26
C ASP B 179 -6.17 2.64 -0.50
N GLU B 180 -5.96 2.83 -1.79
CA GLU B 180 -7.00 3.35 -2.65
C GLU B 180 -8.08 2.27 -2.80
N SER B 181 -7.65 1.04 -3.05
CA SER B 181 -8.58 -0.07 -3.20
C SER B 181 -9.40 -0.27 -1.95
N VAL B 182 -8.75 -0.20 -0.79
CA VAL B 182 -9.44 -0.29 0.49
C VAL B 182 -10.38 0.92 0.61
N GLY B 183 -9.84 2.12 0.50
CA GLY B 183 -10.62 3.35 0.55
C GLY B 183 -11.88 3.39 -0.30
N LYS B 184 -11.83 2.79 -1.48
CA LYS B 184 -12.96 2.80 -2.42
C LYS B 184 -14.14 2.05 -1.86
N ILE B 185 -13.86 0.88 -1.30
CA ILE B 185 -14.84 0.06 -0.60
C ILE B 185 -15.35 0.76 0.66
N TRP B 186 -14.40 1.19 1.50
CA TRP B 186 -14.71 1.95 2.70
C TRP B 186 -15.70 3.06 2.40
N GLN B 187 -15.41 3.83 1.37
CA GLN B 187 -16.27 4.94 0.96
C GLN B 187 -17.67 4.46 0.59
N LYS B 188 -17.80 3.26 0.03
CA LYS B 188 -19.13 2.73 -0.26
C LYS B 188 -19.90 2.43 1.04
N LEU B 189 -19.19 1.91 2.04
CA LEU B 189 -19.81 1.56 3.32
C LEU B 189 -20.36 2.81 4.02
N VAL B 190 -19.72 3.93 3.76
CA VAL B 190 -20.18 5.20 4.26
C VAL B 190 -21.43 5.70 3.50
N ASP B 191 -21.34 5.81 2.17
CA ASP B 191 -22.51 6.14 1.33
C ASP B 191 -23.78 5.41 1.73
N LEU B 192 -23.62 4.12 2.04
CA LEU B 192 -24.73 3.21 2.25
C LEU B 192 -25.06 3.01 3.73
N LYS B 193 -24.29 3.67 4.57
CA LYS B 193 -24.56 3.79 6.01
C LYS B 193 -24.40 2.50 6.81
N TYR B 194 -23.50 1.60 6.39
CA TYR B 194 -23.22 0.40 7.18
C TYR B 194 -22.19 0.72 8.25
N ILE B 195 -21.43 1.78 8.00
CA ILE B 195 -20.49 2.33 8.96
C ILE B 195 -20.56 3.85 8.97
N GLU B 196 -19.92 4.45 9.98
CA GLU B 196 -19.89 5.90 10.14
C GLU B 196 -18.79 6.55 9.30
N ARG C 24 19.08 -69.68 1.34
CA ARG C 24 19.32 -68.48 2.16
C ARG C 24 18.19 -67.43 1.99
N GLY C 25 17.41 -67.49 0.91
CA GLY C 25 16.25 -66.60 0.79
C GLY C 25 14.98 -67.29 1.29
N VAL C 26 14.26 -66.65 2.22
CA VAL C 26 13.06 -67.24 2.81
C VAL C 26 12.16 -66.15 3.35
N THR C 27 10.84 -66.40 3.32
CA THR C 27 9.88 -65.51 3.97
C THR C 27 9.38 -66.10 5.29
N ILE C 28 9.45 -65.32 6.35
CA ILE C 28 8.85 -65.81 7.59
C ILE C 28 7.58 -65.01 7.83
N TRP C 29 6.45 -65.70 7.73
CA TRP C 29 5.15 -65.06 7.71
C TRP C 29 4.44 -65.26 9.03
N LEU C 30 4.44 -64.22 9.86
CA LEU C 30 3.78 -64.30 11.15
C LEU C 30 2.34 -63.86 11.03
N THR C 31 1.39 -64.75 11.34
CA THR C 31 -0.03 -64.39 11.31
C THR C 31 -0.69 -64.57 12.68
N GLY C 32 -1.82 -63.89 12.91
CA GLY C 32 -2.51 -63.96 14.18
C GLY C 32 -3.25 -62.68 14.51
N LEU C 33 -4.01 -62.68 15.59
CA LEU C 33 -4.83 -61.53 15.98
C LEU C 33 -4.04 -60.28 16.41
N SER C 34 -4.70 -59.12 16.32
CA SER C 34 -4.16 -57.86 16.80
C SER C 34 -3.72 -58.05 18.23
N GLY C 35 -2.47 -57.71 18.50
CA GLY C 35 -1.96 -57.77 19.85
C GLY C 35 -1.47 -59.13 20.29
N ALA C 36 -1.49 -60.12 19.40
CA ALA C 36 -1.00 -61.45 19.75
C ALA C 36 0.52 -61.43 19.91
N GLY C 37 1.17 -60.44 19.30
CA GLY C 37 2.60 -60.23 19.49
C GLY C 37 3.44 -60.41 18.23
N LYS C 38 2.86 -60.11 17.06
CA LYS C 38 3.55 -60.32 15.80
C LYS C 38 4.78 -59.44 15.67
N THR C 39 4.57 -58.14 15.83
CA THR C 39 5.61 -57.16 15.65
C THR C 39 6.71 -57.37 16.68
N THR C 40 6.34 -57.79 17.88
CA THR C 40 7.32 -57.86 18.98
C THR C 40 8.31 -58.98 18.76
N ILE C 41 7.78 -60.13 18.40
CA ILE C 41 8.58 -61.23 17.90
C ILE C 41 9.44 -60.80 16.71
N THR C 42 8.88 -60.02 15.82
CA THR C 42 9.58 -59.64 14.60
C THR C 42 10.87 -58.86 14.87
N HIS C 43 10.81 -57.87 15.77
CA HIS C 43 11.97 -57.00 16.02
C HIS C 43 13.00 -57.72 16.85
N ALA C 44 12.55 -58.71 17.60
CA ALA C 44 13.46 -59.56 18.35
C ALA C 44 14.24 -60.42 17.35
N LEU C 45 13.50 -61.11 16.49
CA LEU C 45 14.08 -62.02 15.53
C LEU C 45 14.98 -61.25 14.60
N GLU C 46 14.52 -60.07 14.22
CA GLU C 46 15.29 -59.15 13.37
C GLU C 46 16.65 -58.85 13.94
N LYS C 47 16.65 -58.31 15.14
CA LYS C 47 17.86 -57.95 15.84
C LYS C 47 18.74 -59.19 15.96
N LYS C 48 18.13 -60.29 16.39
CA LYS C 48 18.88 -61.53 16.49
C LYS C 48 19.44 -61.98 15.13
N LEU C 49 18.68 -61.84 14.06
CA LEU C 49 19.18 -62.31 12.79
C LEU C 49 20.25 -61.36 12.31
N ARG C 50 20.03 -60.06 12.51
CA ARG C 50 20.99 -59.07 12.05
C ARG C 50 22.32 -59.19 12.75
N ASP C 51 22.31 -59.57 14.01
CA ASP C 51 23.49 -59.77 14.79
C ASP C 51 24.36 -60.88 14.36
N SER C 52 23.72 -61.82 13.71
CA SER C 52 24.39 -63.02 13.28
C SER C 52 24.82 -62.81 11.83
N GLY C 53 24.73 -61.58 11.35
CA GLY C 53 25.21 -61.24 10.02
C GLY C 53 24.24 -61.48 8.86
N TYR C 54 22.94 -61.56 9.14
CA TYR C 54 21.99 -61.89 8.10
C TYR C 54 21.36 -60.63 7.47
N ARG C 55 21.07 -60.75 6.17
CA ARG C 55 20.41 -59.70 5.36
C ARG C 55 18.91 -59.90 5.41
N LEU C 56 18.20 -58.99 6.03
CA LEU C 56 16.77 -59.19 6.03
C LEU C 56 15.98 -57.92 5.78
N GLU C 57 14.70 -58.09 5.53
CA GLU C 57 13.77 -56.98 5.39
C GLU C 57 12.53 -57.27 6.19
N VAL C 58 12.01 -56.24 6.84
CA VAL C 58 10.79 -56.39 7.61
C VAL C 58 9.63 -55.66 6.95
N LEU C 59 8.51 -56.37 6.79
CA LEU C 59 7.28 -55.75 6.32
C LEU C 59 6.18 -55.96 7.36
N ASP C 60 6.00 -54.99 8.25
CA ASP C 60 4.93 -55.04 9.27
C ASP C 60 3.67 -54.46 8.66
N GLY C 61 2.54 -55.12 8.87
CA GLY C 61 1.29 -54.70 8.26
C GLY C 61 1.02 -53.25 8.59
N ASP C 62 1.21 -52.90 9.86
CA ASP C 62 0.96 -51.56 10.35
C ASP C 62 1.79 -50.50 9.63
N VAL C 63 3.08 -50.76 9.50
CA VAL C 63 4.00 -49.83 8.85
C VAL C 63 3.79 -49.70 7.34
N VAL C 64 3.57 -50.83 6.64
CA VAL C 64 3.41 -50.78 5.19
C VAL C 64 2.09 -50.19 4.82
N ARG C 65 1.18 -50.13 5.78
CA ARG C 65 -0.10 -49.52 5.51
C ARG C 65 0.01 -48.04 5.49
N THR C 66 1.24 -47.55 5.64
CA THR C 66 1.50 -46.12 5.58
C THR C 66 2.37 -45.74 4.41
N ASN C 67 2.66 -46.71 3.54
CA ASN C 67 3.41 -46.41 2.31
C ASN C 67 2.92 -47.33 1.19
N LEU C 68 3.45 -48.54 1.16
CA LEU C 68 3.13 -49.57 0.17
C LEU C 68 1.62 -49.84 0.03
N THR C 69 0.89 -49.89 1.14
CA THR C 69 -0.55 -50.16 1.05
C THR C 69 -1.38 -49.07 1.73
N LYS C 70 -0.91 -47.85 1.58
CA LYS C 70 -1.60 -46.68 2.07
C LYS C 70 -2.91 -46.56 1.33
N GLY C 71 -4.00 -46.29 2.04
CA GLY C 71 -5.26 -46.05 1.36
C GLY C 71 -6.26 -47.15 1.53
N LEU C 72 -5.77 -48.37 1.71
CA LEU C 72 -6.62 -49.52 1.96
C LEU C 72 -7.19 -49.49 3.36
N GLY C 73 -8.30 -50.20 3.54
CA GLY C 73 -8.95 -50.32 4.83
C GLY C 73 -8.97 -51.78 5.24
N PHE C 74 -10.13 -52.25 5.70
CA PHE C 74 -10.20 -53.58 6.29
C PHE C 74 -11.41 -54.39 5.81
N SER C 75 -11.92 -54.03 4.64
CA SER C 75 -12.85 -54.87 3.94
C SER C 75 -12.09 -56.13 3.52
N LYS C 76 -12.79 -57.23 3.28
CA LYS C 76 -12.16 -58.42 2.71
C LYS C 76 -11.31 -58.05 1.51
N GLU C 77 -11.93 -57.29 0.61
CA GLU C 77 -11.27 -56.83 -0.59
C GLU C 77 -9.95 -56.15 -0.29
N ASP C 78 -9.94 -55.20 0.65
CA ASP C 78 -8.72 -54.44 0.90
C ASP C 78 -7.68 -55.27 1.62
N ARG C 79 -8.10 -56.22 2.42
CA ARG C 79 -7.13 -57.06 3.12
C ARG C 79 -6.50 -58.00 2.11
N ASP C 80 -7.29 -58.43 1.13
CA ASP C 80 -6.69 -59.31 0.15
C ASP C 80 -5.65 -58.57 -0.70
N THR C 81 -5.91 -57.30 -1.01
CA THR C 81 -4.97 -56.50 -1.78
C THR C 81 -3.73 -56.27 -0.95
N ASN C 82 -3.96 -55.87 0.29
CA ASN C 82 -2.88 -55.66 1.25
C ASN C 82 -1.98 -56.87 1.42
N ILE C 83 -2.55 -58.04 1.68
CA ILE C 83 -1.72 -59.25 1.81
C ILE C 83 -1.01 -59.60 0.51
N ARG C 84 -1.75 -59.62 -0.60
CA ARG C 84 -1.14 -59.92 -1.90
C ARG C 84 0.01 -58.99 -2.22
N ARG C 85 -0.13 -57.71 -1.89
CA ARG C 85 0.88 -56.73 -2.24
C ARG C 85 2.17 -56.94 -1.46
N ILE C 86 2.03 -57.13 -0.15
CA ILE C 86 3.08 -57.63 0.71
C ILE C 86 3.73 -58.88 0.13
N GLY C 87 2.93 -59.88 -0.20
CA GLY C 87 3.45 -61.10 -0.80
C GLY C 87 4.32 -60.84 -2.02
N PHE C 88 3.86 -59.93 -2.89
CA PHE C 88 4.56 -59.60 -4.11
C PHE C 88 5.95 -59.05 -3.81
N VAL C 89 6.05 -58.23 -2.79
CA VAL C 89 7.36 -57.68 -2.50
C VAL C 89 8.21 -58.75 -1.84
N SER C 90 7.61 -59.54 -0.96
CA SER C 90 8.32 -60.62 -0.27
C SER C 90 8.91 -61.61 -1.27
N HIS C 91 8.11 -62.00 -2.24
CA HIS C 91 8.52 -62.88 -3.33
C HIS C 91 9.80 -62.36 -4.01
N LEU C 92 9.83 -61.07 -4.33
CA LEU C 92 10.95 -60.52 -5.11
C LEU C 92 12.22 -60.50 -4.28
N LEU C 93 12.10 -60.08 -3.03
CA LEU C 93 13.22 -60.09 -2.10
C LEU C 93 13.67 -61.53 -1.82
N THR C 94 12.70 -62.44 -1.77
CA THR C 94 13.03 -63.81 -1.38
C THR C 94 13.77 -64.54 -2.48
N ARG C 95 13.37 -64.35 -3.73
CA ARG C 95 14.08 -65.05 -4.79
C ARG C 95 15.43 -64.39 -5.08
N ASN C 96 15.72 -63.30 -4.38
CA ASN C 96 17.05 -62.70 -4.46
C ASN C 96 17.85 -62.89 -3.17
N GLY C 97 17.51 -63.90 -2.39
CA GLY C 97 18.30 -64.27 -1.23
C GLY C 97 18.11 -63.47 0.05
N VAL C 98 16.96 -62.82 0.20
CA VAL C 98 16.74 -62.05 1.42
C VAL C 98 15.75 -62.74 2.32
N ILE C 99 16.09 -62.83 3.60
CA ILE C 99 15.13 -63.21 4.63
C ILE C 99 14.09 -62.10 4.78
N VAL C 100 12.83 -62.42 4.59
CA VAL C 100 11.81 -61.41 4.72
C VAL C 100 10.97 -61.73 5.93
N LEU C 101 10.87 -60.77 6.84
CA LEU C 101 10.04 -60.90 8.02
C LEU C 101 8.74 -60.15 7.79
N VAL C 102 7.65 -60.90 7.62
CA VAL C 102 6.33 -60.32 7.44
C VAL C 102 5.52 -60.52 8.71
N SER C 103 4.96 -59.44 9.25
CA SER C 103 3.98 -59.56 10.31
C SER C 103 2.71 -58.81 9.92
N ALA C 104 1.59 -59.55 9.94
CA ALA C 104 0.31 -59.09 9.44
C ALA C 104 -0.74 -60.08 9.88
N ILE C 105 -1.93 -59.58 10.19
CA ILE C 105 -2.99 -60.45 10.67
C ILE C 105 -3.22 -61.63 9.69
N SER C 106 -3.41 -61.34 8.39
CA SER C 106 -3.60 -62.39 7.37
C SER C 106 -4.76 -63.27 7.72
N PRO C 107 -5.94 -62.68 7.85
CA PRO C 107 -7.05 -63.39 8.48
C PRO C 107 -7.55 -64.59 7.65
N TYR C 108 -7.32 -64.57 6.33
CA TYR C 108 -7.91 -65.57 5.45
C TYR C 108 -6.92 -66.62 5.02
N ALA C 109 -7.28 -67.87 5.25
CA ALA C 109 -6.38 -68.98 5.02
C ALA C 109 -6.09 -69.08 3.53
N ALA C 110 -7.12 -68.94 2.72
CA ALA C 110 -6.95 -69.12 1.27
C ALA C 110 -5.89 -68.19 0.70
N ILE C 111 -5.83 -66.96 1.23
CA ILE C 111 -4.90 -65.97 0.73
C ILE C 111 -3.48 -66.26 1.23
N ARG C 112 -3.38 -66.75 2.46
CA ARG C 112 -2.09 -67.18 2.94
C ARG C 112 -1.53 -68.26 2.04
N GLN C 113 -2.33 -69.28 1.74
CA GLN C 113 -1.87 -70.40 0.91
C GLN C 113 -1.46 -69.92 -0.46
N GLU C 114 -2.16 -68.92 -0.95
CA GLU C 114 -1.89 -68.32 -2.24
C GLU C 114 -0.47 -67.74 -2.26
N VAL C 115 -0.19 -66.84 -1.33
CA VAL C 115 1.12 -66.22 -1.26
C VAL C 115 2.22 -67.22 -0.96
N LYS C 116 1.94 -68.17 -0.06
CA LYS C 116 2.88 -69.24 0.23
C LYS C 116 3.26 -69.94 -1.08
N HIS C 117 2.26 -70.27 -1.87
CA HIS C 117 2.52 -70.99 -3.10
C HIS C 117 3.35 -70.17 -4.08
N THR C 118 3.21 -68.86 -4.02
CA THR C 118 3.93 -67.97 -4.93
C THR C 118 5.40 -67.90 -4.57
N ILE C 119 5.67 -67.85 -3.26
CA ILE C 119 7.00 -67.54 -2.74
C ILE C 119 7.79 -68.83 -2.57
N GLY C 120 7.10 -69.90 -2.19
CA GLY C 120 7.75 -71.19 -2.11
C GLY C 120 8.57 -71.38 -0.85
N ASP C 121 9.67 -70.63 -0.74
CA ASP C 121 10.54 -70.67 0.44
C ASP C 121 9.97 -69.78 1.55
N PHE C 122 9.17 -70.40 2.41
CA PHE C 122 8.13 -69.72 3.15
C PHE C 122 7.87 -70.43 4.47
N LEU C 123 7.91 -69.71 5.58
CA LEU C 123 7.52 -70.29 6.87
C LEU C 123 6.26 -69.64 7.39
N GLU C 124 5.20 -70.41 7.54
CA GLU C 124 4.01 -69.84 8.11
C GLU C 124 4.06 -69.97 9.63
N VAL C 125 4.28 -68.85 10.32
CA VAL C 125 4.31 -68.86 11.77
C VAL C 125 2.99 -68.35 12.37
N PHE C 126 2.36 -69.23 13.12
CA PHE C 126 1.11 -68.92 13.78
C PHE C 126 1.44 -68.34 15.17
N VAL C 127 1.26 -67.03 15.30
CA VAL C 127 1.38 -66.40 16.60
C VAL C 127 0.04 -66.54 17.26
N ASN C 128 -0.04 -67.42 18.25
CA ASN C 128 -1.32 -67.74 18.82
C ASN C 128 -1.51 -67.29 20.25
N ALA C 129 -2.58 -66.55 20.46
CA ALA C 129 -2.96 -66.08 21.78
C ALA C 129 -4.46 -65.98 21.71
N PRO C 130 -5.14 -66.39 22.78
CA PRO C 130 -6.58 -66.23 22.87
C PRO C 130 -6.98 -64.79 22.70
N LEU C 131 -8.12 -64.58 22.05
CA LEU C 131 -8.75 -63.27 21.98
C LEU C 131 -8.69 -62.58 23.35
N ALA C 132 -9.03 -63.35 24.38
CA ALA C 132 -9.16 -62.80 25.71
C ALA C 132 -7.86 -62.21 26.18
N VAL C 133 -6.76 -62.89 25.86
CA VAL C 133 -5.42 -62.43 26.24
C VAL C 133 -5.10 -61.17 25.48
N CYS C 134 -5.34 -61.21 24.18
CA CYS C 134 -5.11 -60.07 23.31
C CYS C 134 -5.87 -58.86 23.81
N GLU C 135 -7.07 -59.10 24.31
CA GLU C 135 -7.93 -58.04 24.80
C GLU C 135 -7.46 -57.48 26.15
N GLU C 136 -6.85 -58.33 26.98
CA GLU C 136 -6.35 -57.87 28.28
C GLU C 136 -5.12 -57.00 28.09
N ARG C 137 -4.33 -57.30 27.05
CA ARG C 137 -3.15 -56.51 26.72
C ARG C 137 -3.64 -55.21 26.08
N ASP C 138 -4.49 -55.37 25.06
CA ASP C 138 -5.14 -54.26 24.34
C ASP C 138 -4.14 -53.15 24.13
N VAL C 139 -3.07 -53.46 23.42
CA VAL C 139 -1.92 -52.55 23.31
C VAL C 139 -2.29 -51.17 22.79
N LYS C 140 -3.19 -51.10 21.83
CA LYS C 140 -3.50 -49.81 21.24
C LYS C 140 -4.87 -49.30 21.68
N GLY C 141 -5.57 -50.10 22.48
CA GLY C 141 -6.90 -49.71 22.92
C GLY C 141 -7.94 -49.97 21.84
N LEU C 142 -7.56 -50.73 20.82
CA LEU C 142 -8.43 -50.99 19.69
C LEU C 142 -9.62 -51.85 20.06
N TYR C 143 -9.43 -52.74 21.03
CA TYR C 143 -10.45 -53.71 21.34
C TYR C 143 -11.64 -53.02 21.98
N ALA C 144 -11.40 -52.06 22.86
CA ALA C 144 -12.50 -51.26 23.40
C ALA C 144 -13.30 -50.56 22.28
N LYS C 145 -12.59 -50.02 21.28
CA LYS C 145 -13.27 -49.32 20.20
C LYS C 145 -14.06 -50.31 19.33
N ALA C 146 -13.56 -51.53 19.24
CA ALA C 146 -14.26 -52.60 18.57
C ALA C 146 -15.55 -52.94 19.30
N ARG C 147 -15.45 -53.14 20.60
CA ARG C 147 -16.62 -53.49 21.41
C ARG C 147 -17.65 -52.37 21.48
N SER C 148 -17.19 -51.13 21.54
CA SER C 148 -18.10 -49.98 21.55
C SER C 148 -18.85 -49.85 20.24
N GLY C 149 -18.23 -50.35 19.18
CA GLY C 149 -18.80 -50.21 17.86
C GLY C 149 -18.20 -49.01 17.13
N GLU C 150 -17.24 -48.34 17.78
CA GLU C 150 -16.55 -47.21 17.15
C GLU C 150 -15.80 -47.68 15.90
N ILE C 151 -15.06 -48.77 16.04
CA ILE C 151 -14.44 -49.45 14.91
C ILE C 151 -15.24 -50.69 14.56
N LYS C 152 -15.59 -50.85 13.29
CA LYS C 152 -16.33 -52.04 12.86
C LYS C 152 -15.44 -52.96 12.04
N GLY C 153 -15.84 -54.23 11.92
CA GLY C 153 -15.04 -55.24 11.27
C GLY C 153 -13.68 -55.42 11.88
N PHE C 154 -13.59 -55.39 13.21
CA PHE C 154 -12.30 -55.67 13.84
C PHE C 154 -12.12 -57.17 13.99
N THR C 155 -11.03 -57.68 13.40
CA THR C 155 -10.69 -59.08 13.46
C THR C 155 -10.87 -59.71 14.84
N GLY C 156 -11.70 -60.73 14.91
CA GLY C 156 -11.90 -61.47 16.14
C GLY C 156 -13.04 -60.92 16.98
N ILE C 157 -13.58 -59.78 16.55
CA ILE C 157 -14.73 -59.19 17.23
C ILE C 157 -15.94 -59.29 16.32
N ASP C 158 -15.80 -58.79 15.09
CA ASP C 158 -16.78 -59.05 14.06
C ASP C 158 -16.10 -59.00 12.70
N ASP C 159 -15.12 -59.86 12.53
CA ASP C 159 -14.48 -60.06 11.26
C ASP C 159 -13.74 -61.36 11.45
N PRO C 160 -13.71 -62.21 10.42
CA PRO C 160 -13.18 -63.57 10.59
C PRO C 160 -11.67 -63.58 10.83
N TYR C 161 -11.25 -64.51 11.67
CA TYR C 161 -9.86 -64.96 11.66
C TYR C 161 -9.90 -66.44 11.40
N GLU C 162 -9.24 -66.87 10.33
CA GLU C 162 -9.17 -68.28 10.02
C GLU C 162 -7.80 -68.82 10.44
N PRO C 163 -7.75 -69.48 11.60
CA PRO C 163 -6.45 -69.91 12.14
C PRO C 163 -5.79 -71.01 11.31
N PRO C 164 -4.46 -70.89 11.11
CA PRO C 164 -3.62 -71.84 10.38
C PRO C 164 -3.85 -73.25 10.86
N THR C 165 -4.19 -74.14 9.95
CA THR C 165 -4.47 -75.53 10.31
C THR C 165 -3.16 -76.31 10.54
N ASN C 166 -2.18 -76.11 9.66
CA ASN C 166 -0.93 -76.85 9.73
C ASN C 166 0.31 -75.96 9.56
N PRO C 167 0.54 -75.04 10.50
CA PRO C 167 1.62 -74.08 10.30
C PRO C 167 2.97 -74.75 10.41
N ASP C 168 4.03 -74.09 10.00
CA ASP C 168 5.37 -74.63 10.21
C ASP C 168 5.83 -74.43 11.66
N VAL C 169 5.59 -73.25 12.23
CA VAL C 169 5.86 -73.02 13.65
C VAL C 169 4.64 -72.40 14.31
N GLU C 170 4.34 -72.83 15.54
CA GLU C 170 3.33 -72.16 16.32
C GLU C 170 3.88 -71.59 17.64
N CYS C 171 3.57 -70.33 17.90
CA CYS C 171 3.98 -69.67 19.14
C CYS C 171 2.74 -69.31 19.95
N ARG C 172 2.64 -69.83 21.17
CA ARG C 172 1.59 -69.35 22.06
C ARG C 172 2.18 -68.32 23.00
N THR C 173 2.01 -67.04 22.67
CA THR C 173 2.71 -65.97 23.38
C THR C 173 2.20 -65.70 24.80
N ASP C 174 0.93 -65.99 25.04
CA ASP C 174 0.41 -66.04 26.40
C ASP C 174 1.23 -67.00 27.29
N LEU C 175 1.64 -68.14 26.71
CA LEU C 175 2.31 -69.22 27.44
C LEU C 175 3.81 -69.09 27.43
N GLU C 176 4.31 -68.04 26.79
CA GLU C 176 5.73 -67.98 26.50
C GLU C 176 6.29 -66.59 26.67
N GLU C 177 7.59 -66.55 26.90
CA GLU C 177 8.31 -65.30 26.89
C GLU C 177 8.91 -65.10 25.51
N LEU C 178 8.99 -63.83 25.12
CA LEU C 178 9.47 -63.41 23.81
C LEU C 178 10.69 -64.21 23.36
N ASP C 179 11.78 -64.14 24.11
CA ASP C 179 13.01 -64.84 23.79
C ASP C 179 12.77 -66.34 23.56
N GLU C 180 11.79 -66.88 24.24
CA GLU C 180 11.44 -68.28 24.09
C GLU C 180 10.71 -68.45 22.75
N SER C 181 9.72 -67.60 22.53
CA SER C 181 8.93 -67.62 21.30
C SER C 181 9.81 -67.41 20.07
N VAL C 182 10.80 -66.53 20.20
CA VAL C 182 11.72 -66.26 19.12
C VAL C 182 12.63 -67.46 18.84
N GLY C 183 13.00 -68.17 19.91
CA GLY C 183 13.84 -69.34 19.81
C GLY C 183 13.18 -70.43 19.00
N LYS C 184 11.88 -70.60 19.16
CA LYS C 184 11.14 -71.54 18.32
C LYS C 184 11.30 -71.30 16.81
N ILE C 185 11.07 -70.07 16.36
CA ILE C 185 11.24 -69.79 14.94
C ILE C 185 12.67 -70.06 14.51
N TRP C 186 13.59 -69.55 15.32
CA TRP C 186 14.99 -69.67 15.04
C TRP C 186 15.34 -71.13 14.84
N GLN C 187 14.94 -71.96 15.80
CA GLN C 187 15.28 -73.38 15.76
C GLN C 187 14.76 -74.01 14.46
N LYS C 188 13.58 -73.59 14.02
CA LYS C 188 13.00 -74.16 12.81
C LYS C 188 13.81 -73.78 11.59
N LEU C 189 14.22 -72.51 11.54
CA LEU C 189 15.07 -72.00 10.46
C LEU C 189 16.32 -72.84 10.33
N VAL C 190 16.89 -73.20 11.49
CA VAL C 190 18.09 -73.99 11.54
C VAL C 190 17.82 -75.37 10.93
N ASP C 191 16.69 -75.98 11.29
CA ASP C 191 16.39 -77.37 10.94
C ASP C 191 15.96 -77.53 9.49
N LEU C 192 15.53 -76.42 8.88
CA LEU C 192 15.26 -76.40 7.47
C LEU C 192 16.47 -75.83 6.70
N LYS C 193 17.54 -75.55 7.45
CA LYS C 193 18.81 -75.12 6.88
C LYS C 193 18.66 -73.81 6.10
N TYR C 194 18.10 -72.80 6.74
CA TYR C 194 18.06 -71.45 6.18
C TYR C 194 19.12 -70.58 6.84
N ILE C 195 19.50 -70.96 8.06
CA ILE C 195 20.55 -70.29 8.81
C ILE C 195 21.37 -71.39 9.49
N GLU C 196 22.56 -71.11 10.02
CA GLU C 196 23.33 -72.17 10.67
C GLU C 196 23.27 -72.12 12.19
N ARG D 24 25.45 21.90 14.84
CA ARG D 24 26.57 22.76 14.46
C ARG D 24 26.59 23.15 12.98
N GLY D 25 25.50 22.91 12.25
CA GLY D 25 25.40 23.35 10.86
C GLY D 25 24.97 24.81 10.76
N VAL D 26 25.52 25.54 9.79
CA VAL D 26 25.34 27.00 9.72
C VAL D 26 25.68 27.54 8.32
N THR D 27 25.02 28.63 7.93
CA THR D 27 25.36 29.33 6.69
C THR D 27 26.02 30.65 6.95
N ILE D 28 27.27 30.76 6.52
CA ILE D 28 28.04 31.97 6.67
C ILE D 28 27.97 32.74 5.37
N TRP D 29 27.35 33.90 5.41
CA TRP D 29 26.99 34.59 4.18
C TRP D 29 27.78 35.87 4.04
N LEU D 30 28.73 35.85 3.12
CA LEU D 30 29.57 37.02 2.83
C LEU D 30 28.97 37.84 1.68
N THR D 31 28.65 39.11 1.97
CA THR D 31 28.16 40.04 0.95
C THR D 31 29.03 41.30 0.93
N GLY D 32 29.22 41.86 -0.26
CA GLY D 32 29.97 43.08 -0.44
C GLY D 32 30.23 43.37 -1.92
N LEU D 33 30.76 44.55 -2.21
CA LEU D 33 30.98 44.97 -3.60
C LEU D 33 31.96 44.05 -4.33
N SER D 34 32.01 44.17 -5.65
CA SER D 34 33.00 43.45 -6.43
C SER D 34 34.37 43.96 -5.99
N GLY D 35 35.30 43.05 -5.69
CA GLY D 35 36.61 43.45 -5.21
C GLY D 35 36.74 43.70 -3.72
N ALA D 36 35.64 43.56 -2.99
CA ALA D 36 35.64 43.79 -1.54
C ALA D 36 36.52 42.78 -0.80
N GLY D 37 36.49 41.53 -1.26
CA GLY D 37 37.32 40.50 -0.66
C GLY D 37 36.63 39.23 -0.18
N LYS D 38 35.41 38.98 -0.64
CA LYS D 38 34.67 37.80 -0.21
C LYS D 38 35.34 36.47 -0.58
N THR D 39 35.72 36.33 -1.85
CA THR D 39 36.25 35.07 -2.35
C THR D 39 37.57 34.75 -1.66
N THR D 40 38.35 35.80 -1.41
CA THR D 40 39.62 35.63 -0.71
C THR D 40 39.43 35.21 0.75
N ILE D 41 38.53 35.91 1.44
CA ILE D 41 38.17 35.55 2.81
C ILE D 41 37.63 34.13 2.85
N THR D 42 36.85 33.76 1.84
CA THR D 42 36.26 32.44 1.82
C THR D 42 37.31 31.32 1.76
N HIS D 43 38.35 31.45 0.94
CA HIS D 43 39.34 30.37 0.84
C HIS D 43 40.12 30.25 2.14
N ALA D 44 40.52 31.39 2.69
CA ALA D 44 41.22 31.38 3.96
C ALA D 44 40.33 30.79 5.07
N LEU D 45 39.08 31.22 5.14
CA LEU D 45 38.17 30.68 6.15
C LEU D 45 37.91 29.21 5.88
N GLU D 46 37.96 28.84 4.60
CA GLU D 46 37.77 27.46 4.20
C GLU D 46 38.90 26.58 4.69
N LYS D 47 40.13 26.97 4.38
CA LYS D 47 41.28 26.13 4.72
C LYS D 47 41.42 26.00 6.23
N LYS D 48 41.14 27.09 6.96
CA LYS D 48 41.25 27.09 8.41
C LYS D 48 40.23 26.15 9.04
N LEU D 49 38.98 26.26 8.62
CA LEU D 49 37.94 25.35 9.05
C LEU D 49 38.26 23.92 8.62
N ARG D 50 38.75 23.74 7.41
CA ARG D 50 38.95 22.39 6.89
C ARG D 50 40.11 21.71 7.62
N ASP D 51 41.12 22.50 8.01
CA ASP D 51 42.25 21.95 8.76
C ASP D 51 41.82 21.47 10.16
N SER D 52 40.96 22.25 10.81
CA SER D 52 40.35 21.87 12.10
C SER D 52 39.42 20.66 12.01
N GLY D 53 39.15 20.19 10.80
CA GLY D 53 38.42 18.95 10.61
C GLY D 53 36.94 19.12 10.39
N TYR D 54 36.50 20.37 10.26
CA TYR D 54 35.08 20.63 10.04
C TYR D 54 34.72 20.25 8.59
N ARG D 55 33.49 19.79 8.39
CA ARG D 55 33.07 19.45 7.02
C ARG D 55 32.24 20.59 6.42
N LEU D 56 32.55 20.99 5.19
CA LEU D 56 31.94 22.18 4.61
C LEU D 56 31.86 22.22 3.07
N GLU D 57 31.09 23.18 2.59
CA GLU D 57 30.86 23.37 1.19
C GLU D 57 30.92 24.84 0.85
N VAL D 58 31.53 25.15 -0.29
CA VAL D 58 31.67 26.53 -0.72
C VAL D 58 30.76 26.84 -1.88
N LEU D 59 30.00 27.92 -1.78
CA LEU D 59 29.19 28.34 -2.93
C LEU D 59 29.55 29.78 -3.27
N ASP D 60 30.39 29.96 -4.27
CA ASP D 60 30.84 31.27 -4.66
C ASP D 60 29.97 31.75 -5.83
N GLY D 61 29.67 33.04 -5.84
CA GLY D 61 28.84 33.64 -6.88
C GLY D 61 29.45 33.46 -8.24
N ASP D 62 30.75 33.69 -8.36
CA ASP D 62 31.44 33.49 -9.61
C ASP D 62 31.25 32.06 -10.07
N VAL D 63 31.52 31.11 -9.19
CA VAL D 63 31.54 29.71 -9.58
C VAL D 63 30.15 29.12 -9.83
N VAL D 64 29.17 29.41 -8.97
CA VAL D 64 27.86 28.78 -9.19
C VAL D 64 27.24 29.22 -10.51
N ARG D 65 27.65 30.38 -11.00
CA ARG D 65 27.13 30.88 -12.26
C ARG D 65 27.71 30.18 -13.48
N THR D 66 28.56 29.16 -13.28
CA THR D 66 28.99 28.31 -14.40
C THR D 66 28.31 26.94 -14.40
N ASN D 67 27.60 26.60 -13.32
CA ASN D 67 26.81 25.37 -13.26
C ASN D 67 25.38 25.63 -12.78
N LEU D 68 25.24 25.80 -11.46
CA LEU D 68 23.94 25.85 -10.78
C LEU D 68 23.06 26.99 -11.23
N THR D 69 23.67 28.09 -11.66
CA THR D 69 22.88 29.24 -12.09
C THR D 69 23.38 29.77 -13.42
N LYS D 70 23.99 28.88 -14.18
CA LYS D 70 24.26 29.12 -15.60
C LYS D 70 23.01 29.67 -16.28
N GLY D 71 23.18 30.67 -17.14
CA GLY D 71 22.09 31.25 -17.89
C GLY D 71 21.57 32.57 -17.36
N LEU D 72 21.84 32.85 -16.09
CA LEU D 72 21.35 34.06 -15.44
C LEU D 72 22.23 35.28 -15.70
N GLY D 73 21.62 36.45 -15.67
CA GLY D 73 22.34 37.70 -15.84
C GLY D 73 22.40 38.52 -14.56
N PHE D 74 22.38 39.85 -14.72
CA PHE D 74 22.50 40.72 -13.58
C PHE D 74 21.42 41.78 -13.51
N SER D 75 20.31 41.50 -14.17
CA SER D 75 19.10 42.26 -13.93
C SER D 75 18.64 41.96 -12.50
N LYS D 76 17.81 42.83 -11.95
CA LYS D 76 17.32 42.61 -10.59
C LYS D 76 16.71 41.23 -10.50
N GLU D 77 15.91 40.92 -11.53
CA GLU D 77 15.18 39.68 -11.58
C GLU D 77 16.14 38.52 -11.44
N ASP D 78 17.16 38.52 -12.29
CA ASP D 78 18.09 37.41 -12.35
C ASP D 78 18.97 37.28 -11.09
N ARG D 79 19.26 38.39 -10.42
CA ARG D 79 20.06 38.32 -9.21
C ARG D 79 19.22 37.74 -8.09
N ASP D 80 17.95 38.09 -8.05
CA ASP D 80 17.11 37.51 -7.02
C ASP D 80 16.98 36.02 -7.24
N THR D 81 16.97 35.59 -8.50
CA THR D 81 16.88 34.18 -8.80
C THR D 81 18.15 33.48 -8.31
N ASN D 82 19.29 34.08 -8.63
CA ASN D 82 20.61 33.58 -8.25
C ASN D 82 20.76 33.42 -6.75
N ILE D 83 20.39 34.45 -6.01
CA ILE D 83 20.58 34.42 -4.57
C ILE D 83 19.67 33.38 -3.94
N ARG D 84 18.40 33.38 -4.36
CA ARG D 84 17.43 32.43 -3.83
C ARG D 84 17.83 31.01 -4.09
N ARG D 85 18.47 30.77 -5.22
CA ARG D 85 18.82 29.40 -5.56
C ARG D 85 20.02 28.96 -4.75
N ILE D 86 20.99 29.85 -4.62
CA ILE D 86 22.09 29.66 -3.69
C ILE D 86 21.53 29.39 -2.29
N GLY D 87 20.51 30.15 -1.92
CA GLY D 87 19.94 30.03 -0.59
C GLY D 87 19.28 28.68 -0.44
N PHE D 88 18.59 28.23 -1.48
CA PHE D 88 17.91 26.94 -1.45
C PHE D 88 18.89 25.80 -1.14
N VAL D 89 20.03 25.83 -1.83
CA VAL D 89 21.06 24.81 -1.69
C VAL D 89 21.70 24.91 -0.30
N SER D 90 22.09 26.11 0.13
CA SER D 90 22.61 26.33 1.51
C SER D 90 21.68 25.80 2.60
N HIS D 91 20.39 26.02 2.43
CA HIS D 91 19.41 25.62 3.43
C HIS D 91 19.36 24.11 3.58
N LEU D 92 19.56 23.38 2.49
CA LEU D 92 19.50 21.93 2.54
C LEU D 92 20.74 21.46 3.25
N LEU D 93 21.86 22.05 2.89
CA LEU D 93 23.12 21.63 3.48
C LEU D 93 23.19 22.03 4.96
N THR D 94 22.71 23.22 5.29
CA THR D 94 22.76 23.69 6.67
C THR D 94 21.94 22.85 7.64
N ARG D 95 20.70 22.55 7.30
CA ARG D 95 19.85 21.79 8.21
C ARG D 95 20.26 20.34 8.25
N ASN D 96 21.31 19.99 7.50
CA ASN D 96 21.91 18.67 7.56
C ASN D 96 23.31 18.71 8.17
N GLY D 97 23.64 19.80 8.86
CA GLY D 97 24.82 19.85 9.73
C GLY D 97 26.06 20.44 9.10
N VAL D 98 25.97 20.81 7.84
CA VAL D 98 27.10 21.31 7.07
C VAL D 98 27.38 22.78 7.30
N ILE D 99 28.64 23.18 7.29
CA ILE D 99 29.01 24.59 7.30
C ILE D 99 29.08 25.09 5.88
N VAL D 100 28.28 26.10 5.55
CA VAL D 100 28.26 26.56 4.18
C VAL D 100 28.83 27.96 4.05
N LEU D 101 29.83 28.09 3.18
CA LEU D 101 30.47 29.36 2.88
C LEU D 101 29.95 29.91 1.57
N VAL D 102 29.19 30.99 1.67
CA VAL D 102 28.64 31.65 0.51
C VAL D 102 29.34 32.97 0.33
N SER D 103 29.84 33.22 -0.86
CA SER D 103 30.30 34.56 -1.16
C SER D 103 29.66 34.95 -2.46
N ALA D 104 28.78 35.94 -2.39
CA ALA D 104 28.07 36.51 -3.54
C ALA D 104 27.86 37.97 -3.21
N ILE D 105 27.72 38.83 -4.21
CA ILE D 105 27.48 40.24 -3.90
C ILE D 105 26.20 40.45 -3.03
N SER D 106 25.10 39.78 -3.40
CA SER D 106 23.82 39.90 -2.65
C SER D 106 23.42 41.36 -2.47
N PRO D 107 23.22 42.07 -3.57
CA PRO D 107 23.02 43.51 -3.49
C PRO D 107 21.77 43.91 -2.69
N TYR D 108 20.67 43.20 -2.86
CA TYR D 108 19.42 43.66 -2.26
C TYR D 108 19.22 43.11 -0.87
N ALA D 109 18.97 44.03 0.05
CA ALA D 109 18.84 43.69 1.46
C ALA D 109 17.62 42.83 1.76
N ALA D 110 16.45 43.17 1.19
CA ALA D 110 15.25 42.44 1.59
C ALA D 110 15.38 40.95 1.21
N ILE D 111 16.18 40.68 0.17
CA ILE D 111 16.41 39.31 -0.28
C ILE D 111 17.38 38.54 0.63
N ARG D 112 18.44 39.23 1.05
CA ARG D 112 19.30 38.69 2.06
C ARG D 112 18.51 38.29 3.31
N GLN D 113 17.73 39.23 3.85
CA GLN D 113 16.87 38.95 4.99
C GLN D 113 15.93 37.75 4.77
N GLU D 114 15.46 37.59 3.54
CA GLU D 114 14.56 36.49 3.27
C GLU D 114 15.30 35.17 3.47
N VAL D 115 16.48 35.09 2.87
CA VAL D 115 17.28 33.87 2.95
C VAL D 115 17.66 33.61 4.39
N LYS D 116 17.90 34.68 5.15
CA LYS D 116 18.24 34.55 6.57
C LYS D 116 17.14 33.84 7.36
N HIS D 117 15.91 34.38 7.29
CA HIS D 117 14.79 33.79 8.02
C HIS D 117 14.46 32.36 7.56
N THR D 118 14.67 32.09 6.28
CA THR D 118 14.46 30.76 5.73
C THR D 118 15.47 29.71 6.27
N ILE D 119 16.74 30.10 6.40
CA ILE D 119 17.79 29.16 6.83
C ILE D 119 17.97 29.13 8.34
N GLY D 120 17.82 30.29 8.98
CA GLY D 120 17.78 30.33 10.43
C GLY D 120 19.17 30.41 11.02
N ASP D 121 19.93 29.32 10.90
CA ASP D 121 21.33 29.32 11.34
C ASP D 121 22.17 30.01 10.30
N PHE D 122 22.40 31.30 10.53
CA PHE D 122 22.81 32.17 9.45
C PHE D 122 23.73 33.25 9.96
N LEU D 123 24.91 33.36 9.39
CA LEU D 123 25.79 34.47 9.70
C LEU D 123 25.86 35.43 8.54
N GLU D 124 25.42 36.67 8.75
CA GLU D 124 25.61 37.65 7.71
C GLU D 124 26.88 38.45 7.95
N VAL D 125 27.84 38.22 7.05
CA VAL D 125 29.16 38.85 7.11
C VAL D 125 29.28 39.91 6.02
N PHE D 126 29.38 41.16 6.47
CA PHE D 126 29.49 42.30 5.58
C PHE D 126 30.97 42.53 5.33
N VAL D 127 31.41 42.21 4.12
CA VAL D 127 32.79 42.50 3.75
C VAL D 127 32.81 43.92 3.18
N ASN D 128 33.05 44.87 4.08
CA ASN D 128 32.92 46.28 3.76
C ASN D 128 34.22 46.97 3.34
N ALA D 129 34.36 47.17 2.05
CA ALA D 129 35.40 47.99 1.50
C ALA D 129 34.69 49.10 0.75
N PRO D 130 35.16 50.34 0.90
CA PRO D 130 34.60 51.47 0.15
C PRO D 130 34.79 51.26 -1.33
N LEU D 131 33.95 51.90 -2.13
CA LEU D 131 33.98 51.68 -3.56
C LEU D 131 35.30 52.08 -4.20
N ALA D 132 35.94 53.10 -3.64
CA ALA D 132 37.20 53.62 -4.20
C ALA D 132 38.32 52.61 -4.06
N VAL D 133 38.41 51.98 -2.90
CA VAL D 133 39.37 50.92 -2.65
C VAL D 133 39.11 49.78 -3.61
N CYS D 134 37.85 49.40 -3.73
CA CYS D 134 37.50 48.30 -4.61
C CYS D 134 37.86 48.65 -6.06
N GLU D 135 37.57 49.87 -6.48
CA GLU D 135 37.89 50.27 -7.85
C GLU D 135 39.41 50.32 -8.05
N GLU D 136 40.13 50.75 -7.03
CA GLU D 136 41.58 50.84 -7.12
C GLU D 136 42.22 49.48 -7.39
N ARG D 137 41.82 48.45 -6.65
CA ARG D 137 42.38 47.12 -6.88
C ARG D 137 42.03 46.56 -8.25
N ASP D 138 40.77 46.78 -8.66
CA ASP D 138 40.19 46.26 -9.92
C ASP D 138 40.80 44.93 -10.32
N VAL D 139 40.51 43.92 -9.51
CA VAL D 139 41.19 42.64 -9.60
C VAL D 139 40.99 42.00 -10.96
N LYS D 140 39.78 42.14 -11.51
CA LYS D 140 39.43 41.46 -12.74
C LYS D 140 39.35 42.43 -13.93
N GLY D 141 39.65 43.71 -13.68
CA GLY D 141 39.63 44.72 -14.73
C GLY D 141 38.23 45.22 -15.02
N LEU D 142 37.28 44.86 -14.16
CA LEU D 142 35.87 45.08 -14.41
C LEU D 142 35.36 46.51 -14.19
N TYR D 143 35.96 47.23 -13.26
CA TYR D 143 35.44 48.57 -13.01
C TYR D 143 35.70 49.48 -14.22
N ALA D 144 36.91 49.40 -14.78
CA ALA D 144 37.21 50.09 -16.02
C ALA D 144 36.12 49.85 -17.08
N LYS D 145 35.66 48.59 -17.18
CA LYS D 145 34.66 48.21 -18.14
C LYS D 145 33.27 48.77 -17.79
N ALA D 146 33.02 48.93 -16.51
CA ALA D 146 31.78 49.50 -16.08
C ALA D 146 31.73 50.98 -16.41
N ARG D 147 32.87 51.64 -16.26
CA ARG D 147 32.92 53.08 -16.48
C ARG D 147 32.82 53.38 -17.97
N SER D 148 33.43 52.56 -18.80
CA SER D 148 33.42 52.79 -20.23
C SER D 148 32.02 52.59 -20.81
N GLY D 149 31.22 51.80 -20.10
CA GLY D 149 29.89 51.42 -20.56
C GLY D 149 29.87 50.04 -21.18
N GLU D 150 31.03 49.38 -21.22
CA GLU D 150 31.12 48.07 -21.84
C GLU D 150 30.28 47.07 -21.09
N ILE D 151 30.26 47.21 -19.77
CA ILE D 151 29.40 46.43 -18.92
C ILE D 151 28.40 47.36 -18.24
N LYS D 152 27.13 47.26 -18.60
CA LYS D 152 26.10 48.08 -17.96
C LYS D 152 25.60 47.44 -16.68
N GLY D 153 25.04 48.24 -15.78
CA GLY D 153 24.44 47.72 -14.58
C GLY D 153 25.43 46.99 -13.70
N PHE D 154 26.62 47.57 -13.56
CA PHE D 154 27.59 47.04 -12.61
C PHE D 154 27.33 47.59 -11.21
N THR D 155 27.30 46.69 -10.23
CA THR D 155 27.05 47.06 -8.85
C THR D 155 27.96 48.17 -8.34
N GLY D 156 27.38 49.27 -7.89
CA GLY D 156 28.17 50.34 -7.32
C GLY D 156 28.57 51.38 -8.34
N ILE D 157 28.44 51.05 -9.62
CA ILE D 157 28.63 52.02 -10.69
C ILE D 157 27.30 52.35 -11.34
N ASP D 158 26.54 51.31 -11.67
CA ASP D 158 25.29 51.50 -12.39
C ASP D 158 24.17 50.64 -11.84
N ASP D 159 24.40 49.94 -10.72
CA ASP D 159 23.30 49.23 -10.09
C ASP D 159 23.46 49.32 -8.53
N PRO D 160 22.37 49.15 -7.77
CA PRO D 160 22.41 49.28 -6.31
C PRO D 160 23.31 48.37 -5.55
N TYR D 161 23.71 48.86 -4.40
CA TYR D 161 24.22 48.03 -3.32
C TYR D 161 23.70 48.55 -2.00
N GLU D 162 22.82 47.76 -1.37
CA GLU D 162 22.21 48.12 -0.10
C GLU D 162 23.00 47.49 1.04
N PRO D 163 23.82 48.30 1.72
CA PRO D 163 24.67 47.72 2.77
C PRO D 163 23.85 47.14 3.94
N PRO D 164 24.35 46.06 4.58
CA PRO D 164 23.74 45.52 5.80
C PRO D 164 23.65 46.59 6.88
N THR D 165 22.53 46.64 7.59
CA THR D 165 22.34 47.64 8.63
C THR D 165 22.79 47.07 9.96
N ASN D 166 22.46 45.81 10.19
CA ASN D 166 22.86 45.18 11.42
C ASN D 166 23.47 43.80 11.17
N PRO D 167 24.59 43.76 10.42
CA PRO D 167 25.23 42.49 10.07
C PRO D 167 25.80 41.80 11.31
N ASP D 168 25.93 40.48 11.27
CA ASP D 168 26.45 39.75 12.42
C ASP D 168 27.95 39.99 12.63
N VAL D 169 28.66 40.26 11.54
CA VAL D 169 30.10 40.56 11.51
C VAL D 169 30.43 41.51 10.35
N GLU D 170 31.28 42.51 10.58
CA GLU D 170 31.69 43.44 9.51
C GLU D 170 33.20 43.45 9.33
N CYS D 171 33.65 43.18 8.10
CA CYS D 171 35.07 43.23 7.78
C CYS D 171 35.40 44.43 6.94
N ARG D 172 36.06 45.40 7.52
CA ARG D 172 36.60 46.51 6.76
C ARG D 172 37.91 46.05 6.15
N THR D 173 37.86 45.45 4.96
CA THR D 173 39.08 44.90 4.36
C THR D 173 40.07 46.00 3.96
N ASP D 174 39.61 47.25 3.90
CA ASP D 174 40.49 48.39 3.69
C ASP D 174 41.44 48.57 4.87
N LEU D 175 40.95 48.26 6.07
CA LEU D 175 41.68 48.55 7.31
C LEU D 175 42.17 47.28 8.01
N GLU D 176 42.18 46.18 7.29
CA GLU D 176 42.54 44.89 7.86
C GLU D 176 43.37 44.03 6.93
N GLU D 177 43.97 43.02 7.53
CA GLU D 177 44.68 41.99 6.82
C GLU D 177 43.74 40.82 6.84
N LEU D 178 43.98 39.84 5.99
CA LEU D 178 43.22 38.59 6.02
C LEU D 178 42.97 38.06 7.43
N ASP D 179 44.04 37.70 8.13
CA ASP D 179 43.95 36.93 9.36
C ASP D 179 43.10 37.65 10.38
N GLU D 180 43.10 38.97 10.33
CA GLU D 180 42.23 39.72 11.22
C GLU D 180 40.77 39.60 10.77
N SER D 181 40.54 39.76 9.46
CA SER D 181 39.19 39.65 8.91
C SER D 181 38.66 38.22 9.07
N VAL D 182 39.41 37.24 8.59
CA VAL D 182 39.05 35.82 8.77
C VAL D 182 38.87 35.51 10.26
N GLY D 183 39.73 36.12 11.09
CA GLY D 183 39.73 35.89 12.52
C GLY D 183 38.46 36.35 13.23
N LYS D 184 37.89 37.45 12.75
CA LYS D 184 36.64 37.95 13.31
C LYS D 184 35.54 36.93 13.20
N ILE D 185 35.40 36.36 12.00
CA ILE D 185 34.33 35.41 11.68
C ILE D 185 34.50 34.17 12.54
N TRP D 186 35.73 33.69 12.54
CA TRP D 186 36.04 32.44 13.19
C TRP D 186 35.61 32.51 14.65
N GLN D 187 35.85 33.65 15.33
CA GLN D 187 35.47 33.75 16.72
C GLN D 187 33.99 33.94 16.92
N LYS D 188 33.32 34.71 16.04
CA LYS D 188 31.87 34.83 16.14
C LYS D 188 31.25 33.45 16.04
N LEU D 189 31.81 32.63 15.14
CA LEU D 189 31.45 31.22 15.07
C LEU D 189 31.57 30.46 16.39
N VAL D 190 32.61 30.72 17.18
CA VAL D 190 32.78 29.98 18.43
C VAL D 190 31.93 30.58 19.56
N ASP D 191 31.59 31.87 19.44
CA ASP D 191 30.67 32.48 20.39
C ASP D 191 29.30 31.90 20.21
N LEU D 192 28.87 31.84 18.96
CA LEU D 192 27.56 31.34 18.61
C LEU D 192 27.53 29.82 18.70
N LYS D 193 28.70 29.26 19.04
CA LYS D 193 28.84 27.85 19.40
C LYS D 193 28.74 26.89 18.22
N TYR D 194 28.87 27.40 17.00
CA TYR D 194 28.75 26.53 15.83
C TYR D 194 29.97 25.61 15.75
N ILE D 195 31.13 26.13 16.15
CA ILE D 195 32.35 25.35 16.22
C ILE D 195 33.07 25.56 17.55
N GLU D 196 33.66 24.48 18.09
CA GLU D 196 34.31 24.55 19.39
C GLU D 196 35.37 25.66 19.47
N ARG E 24 -20.69 63.05 -29.74
CA ARG E 24 -20.86 62.64 -28.34
C ARG E 24 -19.89 61.53 -27.88
N GLY E 25 -19.37 60.72 -28.80
CA GLY E 25 -18.29 59.80 -28.46
C GLY E 25 -16.97 60.54 -28.53
N VAL E 26 -16.04 60.29 -27.60
CA VAL E 26 -14.78 61.03 -27.57
C VAL E 26 -13.71 60.32 -26.74
N THR E 27 -12.44 60.45 -27.11
CA THR E 27 -11.36 59.94 -26.29
C THR E 27 -10.61 61.06 -25.57
N ILE E 28 -10.57 60.96 -24.25
CA ILE E 28 -9.89 61.91 -23.42
C ILE E 28 -8.59 61.30 -22.96
N TRP E 29 -7.49 61.80 -23.53
CA TRP E 29 -6.17 61.23 -23.37
C TRP E 29 -5.30 62.03 -22.41
N LEU E 30 -4.96 61.43 -21.27
CA LEU E 30 -4.19 62.13 -20.25
C LEU E 30 -2.70 61.75 -20.31
N THR E 31 -1.85 62.69 -20.70
CA THR E 31 -0.41 62.48 -20.83
C THR E 31 0.34 63.14 -19.69
N GLY E 32 1.38 62.50 -19.18
CA GLY E 32 2.17 63.16 -18.16
C GLY E 32 3.07 62.25 -17.41
N LEU E 33 4.03 62.84 -16.68
CA LEU E 33 5.00 62.07 -15.91
C LEU E 33 4.31 61.14 -14.93
N SER E 34 4.94 60.01 -14.64
CA SER E 34 4.55 59.20 -13.51
C SER E 34 4.46 60.10 -12.30
N GLY E 35 3.31 60.07 -11.64
CA GLY E 35 3.13 60.82 -10.42
C GLY E 35 2.46 62.16 -10.66
N ALA E 36 2.29 62.55 -11.92
CA ALA E 36 1.71 63.87 -12.21
C ALA E 36 0.28 64.00 -11.69
N GLY E 37 -0.49 62.90 -11.76
CA GLY E 37 -1.87 62.87 -11.30
C GLY E 37 -2.83 62.43 -12.39
N LYS E 38 -2.37 61.57 -13.29
CA LYS E 38 -3.25 61.16 -14.37
C LYS E 38 -4.36 60.31 -13.80
N THR E 39 -3.99 59.27 -13.08
CA THR E 39 -4.93 58.28 -12.63
C THR E 39 -5.88 58.93 -11.64
N THR E 40 -5.37 59.86 -10.85
CA THR E 40 -6.20 60.50 -9.84
C THR E 40 -7.32 61.34 -10.47
N ILE E 41 -6.96 62.20 -11.42
CA ILE E 41 -7.92 63.02 -12.15
C ILE E 41 -8.99 62.19 -12.88
N THR E 42 -8.55 61.15 -13.59
CA THR E 42 -9.49 60.33 -14.34
C THR E 42 -10.55 59.77 -13.40
N HIS E 43 -10.14 59.27 -12.25
CA HIS E 43 -11.10 58.68 -11.31
C HIS E 43 -12.13 59.71 -10.84
N ALA E 44 -11.71 60.95 -10.70
CA ALA E 44 -12.62 61.98 -10.21
C ALA E 44 -13.56 62.36 -11.34
N LEU E 45 -12.99 62.50 -12.52
CA LEU E 45 -13.74 62.83 -13.71
C LEU E 45 -14.74 61.73 -14.06
N GLU E 46 -14.33 60.49 -13.82
CA GLU E 46 -15.16 59.32 -14.09
C GLU E 46 -16.39 59.35 -13.21
N LYS E 47 -16.17 59.60 -11.93
CA LYS E 47 -17.26 59.78 -10.98
C LYS E 47 -18.20 60.91 -11.42
N LYS E 48 -17.62 62.07 -11.71
CA LYS E 48 -18.44 63.23 -12.09
C LYS E 48 -19.24 62.96 -13.37
N LEU E 49 -18.68 62.18 -14.28
CA LEU E 49 -19.39 61.86 -15.51
C LEU E 49 -20.48 60.80 -15.32
N ARG E 50 -20.15 59.77 -14.55
CA ARG E 50 -21.10 58.70 -14.29
C ARG E 50 -22.26 59.22 -13.49
N ASP E 51 -21.96 60.09 -12.54
CA ASP E 51 -22.97 60.78 -11.75
C ASP E 51 -23.98 61.48 -12.66
N SER E 52 -23.48 62.07 -13.75
CA SER E 52 -24.34 62.74 -14.72
C SER E 52 -24.99 61.73 -15.66
N GLY E 53 -24.68 60.47 -15.48
CA GLY E 53 -25.33 59.40 -16.20
C GLY E 53 -24.70 59.08 -17.54
N TYR E 54 -23.52 59.62 -17.82
CA TYR E 54 -22.89 59.41 -19.12
C TYR E 54 -22.25 58.03 -19.22
N ARG E 55 -22.19 57.50 -20.44
CA ARG E 55 -21.59 56.18 -20.67
C ARG E 55 -20.10 56.24 -20.95
N LEU E 56 -19.30 55.56 -20.15
CA LEU E 56 -17.85 55.65 -20.35
C LEU E 56 -17.07 54.39 -20.01
N GLU E 57 -15.79 54.38 -20.38
CA GLU E 57 -14.86 53.31 -20.03
C GLU E 57 -13.50 53.89 -19.70
N VAL E 58 -12.82 53.32 -18.69
CA VAL E 58 -11.49 53.79 -18.33
C VAL E 58 -10.38 52.86 -18.80
N LEU E 59 -9.45 53.39 -19.58
CA LEU E 59 -8.27 52.60 -19.95
C LEU E 59 -7.02 53.24 -19.33
N ASP E 60 -6.63 52.72 -18.17
CA ASP E 60 -5.47 53.20 -17.42
C ASP E 60 -4.28 52.34 -17.76
N GLY E 61 -3.14 52.96 -18.06
CA GLY E 61 -1.96 52.26 -18.51
C GLY E 61 -1.50 51.25 -17.49
N ASP E 62 -1.48 51.65 -16.22
CA ASP E 62 -1.13 50.78 -15.08
C ASP E 62 -2.06 49.57 -14.95
N VAL E 63 -3.31 49.73 -15.34
CA VAL E 63 -4.27 48.64 -15.22
C VAL E 63 -4.33 47.76 -16.47
N VAL E 64 -4.22 48.33 -17.65
CA VAL E 64 -4.29 47.47 -18.83
C VAL E 64 -3.03 46.63 -19.02
N ARG E 65 -1.94 47.02 -18.36
CA ARG E 65 -0.69 46.27 -18.47
C ARG E 65 -0.76 44.99 -17.66
N THR E 66 -1.94 44.75 -17.09
CA THR E 66 -2.24 43.51 -16.38
C THR E 66 -3.25 42.67 -17.13
N ASN E 67 -3.75 43.17 -18.27
CA ASN E 67 -4.61 42.38 -19.16
C ASN E 67 -4.31 42.59 -20.65
N LEU E 68 -4.76 43.71 -21.21
CA LEU E 68 -4.65 43.98 -22.62
C LEU E 68 -3.23 44.05 -23.14
N THR E 69 -2.33 44.56 -22.31
CA THR E 69 -0.95 44.79 -22.72
C THR E 69 -0.05 44.12 -21.71
N LYS E 70 -0.57 43.04 -21.13
CA LYS E 70 0.26 42.26 -20.22
C LYS E 70 1.38 41.62 -21.03
N GLY E 71 2.59 41.64 -20.49
CA GLY E 71 3.70 41.04 -21.17
C GLY E 71 4.73 42.06 -21.61
N LEU E 72 4.25 43.26 -21.94
CA LEU E 72 5.10 44.36 -22.41
C LEU E 72 5.87 45.04 -21.30
N GLY E 73 7.09 45.47 -21.61
CA GLY E 73 7.94 46.19 -20.69
C GLY E 73 7.95 47.68 -21.01
N PHE E 74 9.09 48.34 -20.91
CA PHE E 74 9.15 49.77 -21.15
C PHE E 74 10.18 50.26 -22.13
N SER E 75 10.70 49.35 -22.93
CA SER E 75 11.47 49.70 -24.11
C SER E 75 10.63 50.59 -25.01
N LYS E 76 11.28 51.37 -25.84
CA LYS E 76 10.57 52.20 -26.80
C LYS E 76 9.57 51.39 -27.63
N GLU E 77 10.04 50.27 -28.17
CA GLU E 77 9.20 49.32 -28.90
C GLU E 77 7.92 48.97 -28.15
N ASP E 78 8.10 48.66 -26.87
CA ASP E 78 7.00 48.16 -26.06
C ASP E 78 6.05 49.26 -25.62
N ARG E 79 6.54 50.48 -25.44
CA ARG E 79 5.65 51.57 -25.05
C ARG E 79 4.80 51.88 -26.25
N ASP E 80 5.40 51.81 -27.43
CA ASP E 80 4.66 52.09 -28.66
C ASP E 80 3.57 51.07 -28.89
N THR E 81 3.89 49.79 -28.65
CA THR E 81 2.91 48.72 -28.73
C THR E 81 1.78 49.01 -27.75
N ASN E 82 2.16 49.29 -26.51
CA ASN E 82 1.19 49.63 -25.46
C ASN E 82 0.24 50.75 -25.89
N ILE E 83 0.78 51.90 -26.27
CA ILE E 83 -0.08 53.03 -26.64
C ILE E 83 -0.98 52.76 -27.85
N ARG E 84 -0.45 52.15 -28.89
CA ARG E 84 -1.28 51.81 -30.05
C ARG E 84 -2.39 50.80 -29.69
N ARG E 85 -2.09 49.86 -28.82
CA ARG E 85 -3.06 48.86 -28.45
C ARG E 85 -4.18 49.50 -27.62
N ILE E 86 -3.81 50.44 -26.77
CA ILE E 86 -4.80 51.22 -26.05
C ILE E 86 -5.56 52.04 -27.08
N GLY E 87 -4.81 52.76 -27.92
CA GLY E 87 -5.40 53.51 -29.02
C GLY E 87 -6.40 52.71 -29.86
N PHE E 88 -6.01 51.50 -30.25
CA PHE E 88 -6.88 50.65 -31.03
C PHE E 88 -8.21 50.49 -30.35
N VAL E 89 -8.16 50.09 -29.09
CA VAL E 89 -9.38 49.79 -28.35
C VAL E 89 -10.21 51.05 -28.15
N SER E 90 -9.55 52.17 -27.90
CA SER E 90 -10.25 53.44 -27.76
C SER E 90 -10.95 53.88 -29.05
N HIS E 91 -10.33 53.57 -30.19
CA HIS E 91 -10.93 53.88 -31.48
C HIS E 91 -12.27 53.17 -31.63
N LEU E 92 -12.36 51.93 -31.16
CA LEU E 92 -13.57 51.16 -31.34
C LEU E 92 -14.66 51.73 -30.45
N LEU E 93 -14.35 51.88 -29.18
CA LEU E 93 -15.27 52.48 -28.22
C LEU E 93 -15.74 53.91 -28.63
N THR E 94 -14.81 54.78 -29.01
CA THR E 94 -15.20 56.14 -29.30
C THR E 94 -16.17 56.18 -30.44
N ARG E 95 -15.85 55.52 -31.55
CA ARG E 95 -16.70 55.61 -32.73
C ARG E 95 -18.07 54.94 -32.58
N ASN E 96 -18.30 54.28 -31.44
CA ASN E 96 -19.61 53.73 -31.08
C ASN E 96 -20.26 54.55 -29.96
N GLY E 97 -19.80 55.79 -29.78
CA GLY E 97 -20.45 56.72 -28.88
C GLY E 97 -20.01 56.65 -27.44
N VAL E 98 -18.94 55.91 -27.18
CA VAL E 98 -18.51 55.77 -25.80
C VAL E 98 -17.50 56.86 -25.46
N ILE E 99 -17.53 57.31 -24.21
CA ILE E 99 -16.56 58.30 -23.76
C ILE E 99 -15.40 57.57 -23.08
N VAL E 100 -14.20 57.77 -23.61
CA VAL E 100 -13.07 57.00 -23.14
C VAL E 100 -12.07 57.83 -22.39
N LEU E 101 -11.85 57.47 -21.14
CA LEU E 101 -10.81 58.09 -20.36
C LEU E 101 -9.57 57.21 -20.42
N VAL E 102 -8.51 57.77 -20.99
CA VAL E 102 -7.22 57.13 -21.01
C VAL E 102 -6.28 57.89 -20.09
N SER E 103 -5.55 57.17 -19.24
CA SER E 103 -4.40 57.74 -18.55
C SER E 103 -3.20 56.85 -18.76
N ALA E 104 -2.19 57.42 -19.37
CA ALA E 104 -0.95 56.70 -19.67
C ALA E 104 0.15 57.69 -19.94
N ILE E 105 1.38 57.36 -19.59
CA ILE E 105 2.47 58.32 -19.77
C ILE E 105 2.56 58.85 -21.20
N SER E 106 2.37 58.01 -22.21
CA SER E 106 2.39 58.47 -23.61
C SER E 106 3.62 59.34 -23.84
N PRO E 107 4.80 58.79 -23.60
CA PRO E 107 5.96 59.69 -23.58
C PRO E 107 6.30 60.31 -24.94
N TYR E 108 6.04 59.59 -26.04
CA TYR E 108 6.46 60.09 -27.34
C TYR E 108 5.35 60.75 -28.13
N ALA E 109 5.57 62.03 -28.41
CA ALA E 109 4.62 62.87 -29.10
C ALA E 109 4.15 62.27 -30.42
N ALA E 110 5.06 61.68 -31.19
CA ALA E 110 4.69 61.15 -32.51
C ALA E 110 3.63 60.05 -32.43
N ILE E 111 3.73 59.21 -31.40
CA ILE E 111 2.75 58.14 -31.15
C ILE E 111 1.44 58.72 -30.63
N ARG E 112 1.53 59.73 -29.77
CA ARG E 112 0.36 60.47 -29.36
C ARG E 112 -0.36 61.04 -30.56
N GLN E 113 0.40 61.65 -31.48
CA GLN E 113 -0.22 62.27 -32.64
C GLN E 113 -0.84 61.26 -33.59
N GLU E 114 -0.21 60.09 -33.68
CA GLU E 114 -0.70 59.04 -34.57
C GLU E 114 -2.08 58.59 -34.12
N VAL E 115 -2.17 58.23 -32.83
CA VAL E 115 -3.42 57.81 -32.23
C VAL E 115 -4.52 58.86 -32.39
N LYS E 116 -4.19 60.11 -32.07
CA LYS E 116 -5.13 61.21 -32.22
C LYS E 116 -5.70 61.21 -33.63
N HIS E 117 -4.84 60.96 -34.60
CA HIS E 117 -5.28 60.96 -35.97
C HIS E 117 -6.31 59.84 -36.23
N THR E 118 -6.06 58.65 -35.69
CA THR E 118 -6.94 57.51 -35.93
C THR E 118 -8.35 57.78 -35.40
N ILE E 119 -8.39 58.21 -34.15
CA ILE E 119 -9.60 58.39 -33.36
C ILE E 119 -10.41 59.66 -33.73
N GLY E 120 -9.71 60.73 -34.09
CA GLY E 120 -10.35 61.96 -34.51
C GLY E 120 -10.97 62.70 -33.35
N ASP E 121 -12.02 62.13 -32.79
CA ASP E 121 -12.71 62.74 -31.64
C ASP E 121 -11.88 62.54 -30.39
N PHE E 122 -10.91 63.42 -30.22
CA PHE E 122 -9.80 63.17 -29.33
C PHE E 122 -9.44 64.45 -28.56
N LEU E 123 -9.48 64.38 -27.25
CA LEU E 123 -8.93 65.47 -26.46
C LEU E 123 -7.62 65.08 -25.80
N GLU E 124 -6.58 65.87 -26.03
CA GLU E 124 -5.30 65.68 -25.37
C GLU E 124 -5.24 66.53 -24.06
N VAL E 125 -5.15 65.84 -22.92
CA VAL E 125 -4.99 66.49 -21.63
C VAL E 125 -3.59 66.25 -21.07
N PHE E 126 -2.85 67.34 -20.94
CA PHE E 126 -1.49 67.31 -20.43
C PHE E 126 -1.52 67.46 -18.92
N VAL E 127 -1.35 66.36 -18.20
CA VAL E 127 -1.25 66.46 -16.75
C VAL E 127 0.20 66.84 -16.45
N ASN E 128 0.38 68.13 -16.28
CA ASN E 128 1.70 68.70 -16.22
C ASN E 128 2.08 69.11 -14.80
N ALA E 129 3.15 68.51 -14.31
CA ALA E 129 3.71 68.84 -13.01
C ALA E 129 5.20 68.64 -13.16
N PRO E 130 6.00 69.57 -12.62
CA PRO E 130 7.46 69.47 -12.78
C PRO E 130 7.97 68.11 -12.35
N LEU E 131 9.06 67.66 -12.97
CA LEU E 131 9.67 66.41 -12.55
C LEU E 131 10.04 66.56 -11.11
N ALA E 132 10.56 67.75 -10.80
CA ALA E 132 10.81 68.17 -9.44
C ALA E 132 9.55 67.87 -8.66
N VAL E 133 8.37 68.06 -9.26
CA VAL E 133 7.07 67.96 -8.56
C VAL E 133 6.38 66.61 -8.81
N CYS E 134 7.10 65.59 -9.29
CA CYS E 134 6.49 64.24 -9.23
C CYS E 134 7.29 63.37 -8.31
N GLU E 135 8.55 63.74 -8.11
CA GLU E 135 9.48 62.97 -7.31
C GLU E 135 9.28 63.20 -5.81
N GLU E 136 8.74 64.35 -5.41
CA GLU E 136 8.53 64.59 -3.98
C GLU E 136 7.23 63.86 -3.59
N ARG E 137 6.33 63.64 -4.55
CA ARG E 137 5.11 62.83 -4.29
C ARG E 137 5.54 61.39 -4.15
N ASP E 138 6.17 60.88 -5.23
CA ASP E 138 6.71 59.52 -5.31
C ASP E 138 5.79 58.58 -4.58
N VAL E 139 4.57 58.46 -5.10
CA VAL E 139 3.52 57.71 -4.45
C VAL E 139 3.93 56.27 -4.16
N LYS E 140 4.55 55.63 -5.15
CA LYS E 140 4.82 54.19 -5.10
C LYS E 140 6.26 53.88 -4.65
N GLY E 141 7.08 54.91 -4.48
CA GLY E 141 8.48 54.70 -4.14
C GLY E 141 9.33 54.40 -5.37
N LEU E 142 8.75 54.63 -6.55
CA LEU E 142 9.40 54.35 -7.83
C LEU E 142 10.52 55.29 -8.17
N TYR E 143 10.44 56.54 -7.75
CA TYR E 143 11.47 57.44 -8.21
C TYR E 143 12.79 57.05 -7.57
N ALA E 144 12.75 56.73 -6.27
CA ALA E 144 13.93 56.29 -5.55
C ALA E 144 14.56 55.05 -6.20
N LYS E 145 13.73 54.12 -6.64
CA LYS E 145 14.25 52.92 -7.25
C LYS E 145 14.87 53.25 -8.60
N ALA E 146 14.46 54.36 -9.17
CA ALA E 146 14.95 54.71 -10.49
C ALA E 146 16.31 55.36 -10.33
N ARG E 147 16.41 56.23 -9.34
CA ARG E 147 17.67 56.89 -9.02
C ARG E 147 18.70 55.85 -8.66
N SER E 148 18.31 54.89 -7.84
CA SER E 148 19.20 53.85 -7.31
C SER E 148 19.76 52.96 -8.40
N GLY E 149 19.10 52.99 -9.56
CA GLY E 149 19.48 52.14 -10.67
C GLY E 149 18.76 50.79 -10.66
N GLU E 150 17.94 50.54 -9.64
CA GLU E 150 17.18 49.29 -9.51
C GLU E 150 16.19 49.14 -10.66
N ILE E 151 15.57 50.25 -11.03
CA ILE E 151 14.73 50.32 -12.23
C ILE E 151 15.39 51.18 -13.31
N LYS E 152 15.63 50.61 -14.48
CA LYS E 152 16.24 51.37 -15.55
C LYS E 152 15.18 51.96 -16.47
N GLY E 153 15.60 52.85 -17.36
CA GLY E 153 14.70 53.47 -18.33
C GLY E 153 13.42 54.01 -17.73
N PHE E 154 13.50 54.66 -16.57
CA PHE E 154 12.30 55.25 -15.97
C PHE E 154 12.07 56.67 -16.49
N THR E 155 10.85 56.94 -16.96
CA THR E 155 10.52 58.23 -17.58
C THR E 155 10.87 59.42 -16.73
N GLY E 156 11.59 60.38 -17.33
CA GLY E 156 12.00 61.58 -16.64
C GLY E 156 13.27 61.39 -15.84
N ILE E 157 13.72 60.16 -15.67
CA ILE E 157 14.97 59.93 -14.96
C ILE E 157 16.03 59.41 -15.88
N ASP E 158 15.73 58.37 -16.65
CA ASP E 158 16.57 58.07 -17.80
C ASP E 158 15.78 57.44 -18.93
N ASP E 159 14.65 58.06 -19.26
CA ASP E 159 13.98 57.83 -20.54
C ASP E 159 13.17 59.12 -20.84
N PRO E 160 12.98 59.41 -22.11
CA PRO E 160 12.33 60.65 -22.51
C PRO E 160 10.89 60.79 -22.08
N TYR E 161 10.50 62.05 -21.91
CA TYR E 161 9.11 62.45 -21.97
C TYR E 161 9.02 63.68 -22.84
N GLU E 162 8.31 63.58 -23.95
CA GLU E 162 8.14 64.72 -24.85
C GLU E 162 6.81 65.41 -24.54
N PRO E 163 6.89 66.60 -23.93
CA PRO E 163 5.66 67.32 -23.55
C PRO E 163 4.85 67.75 -24.77
N PRO E 164 3.52 67.67 -24.68
CA PRO E 164 2.61 68.15 -25.72
C PRO E 164 2.88 69.61 -26.01
N THR E 165 3.02 69.95 -27.27
CA THR E 165 3.28 71.33 -27.62
C THR E 165 1.96 72.09 -27.72
N ASN E 166 0.88 71.41 -28.09
CA ASN E 166 -0.40 72.10 -28.16
C ASN E 166 -1.56 71.26 -27.65
N PRO E 167 -1.59 71.02 -26.34
CA PRO E 167 -2.61 70.18 -25.72
C PRO E 167 -3.96 70.91 -25.71
N ASP E 168 -5.06 70.17 -25.75
CA ASP E 168 -6.39 70.79 -25.70
C ASP E 168 -6.67 71.35 -24.30
N VAL E 169 -6.22 70.64 -23.29
CA VAL E 169 -6.28 71.12 -21.90
C VAL E 169 -5.00 70.76 -21.18
N GLU E 170 -4.42 71.75 -20.50
CA GLU E 170 -3.23 71.53 -19.70
C GLU E 170 -3.64 71.70 -18.24
N CYS E 171 -3.32 70.72 -17.40
CA CYS E 171 -3.62 70.79 -15.96
C CYS E 171 -2.35 70.82 -15.14
N ARG E 172 -2.02 71.97 -14.58
CA ARG E 172 -0.81 72.05 -13.77
C ARG E 172 -1.11 71.64 -12.33
N THR E 173 -0.83 70.38 -11.99
CA THR E 173 -1.30 69.83 -10.74
C THR E 173 -0.50 70.34 -9.55
N ASP E 174 0.66 70.92 -9.81
CA ASP E 174 1.41 71.63 -8.78
C ASP E 174 0.62 72.87 -8.33
N LEU E 175 -0.11 73.47 -9.27
CA LEU E 175 -0.80 74.74 -9.03
C LEU E 175 -2.31 74.58 -8.94
N GLU E 176 -2.80 73.35 -8.96
CA GLU E 176 -4.25 73.15 -9.00
C GLU E 176 -4.76 72.19 -7.94
N GLU E 177 -6.02 72.39 -7.56
CA GLU E 177 -6.76 71.42 -6.76
C GLU E 177 -7.40 70.43 -7.71
N LEU E 178 -7.50 69.18 -7.29
CA LEU E 178 -8.10 68.14 -8.11
C LEU E 178 -9.45 68.57 -8.68
N ASP E 179 -10.22 69.31 -7.90
CA ASP E 179 -11.53 69.73 -8.39
C ASP E 179 -11.41 70.74 -9.53
N GLU E 180 -10.40 71.61 -9.52
CA GLU E 180 -10.26 72.55 -10.62
C GLU E 180 -9.69 71.85 -11.84
N SER E 181 -8.73 70.94 -11.61
CA SER E 181 -8.15 70.17 -12.68
C SER E 181 -9.23 69.48 -13.51
N VAL E 182 -10.10 68.72 -12.86
CA VAL E 182 -11.27 68.13 -13.50
C VAL E 182 -12.14 69.14 -14.25
N GLY E 183 -12.50 70.21 -13.54
CA GLY E 183 -13.38 71.24 -14.07
C GLY E 183 -12.88 71.86 -15.35
N LYS E 184 -11.56 71.95 -15.48
CA LYS E 184 -10.94 72.43 -16.70
C LYS E 184 -11.30 71.52 -17.85
N ILE E 185 -11.14 70.22 -17.64
CA ILE E 185 -11.54 69.22 -18.63
C ILE E 185 -13.05 69.26 -18.87
N TRP E 186 -13.82 69.07 -17.79
CA TRP E 186 -15.27 69.12 -17.85
C TRP E 186 -15.77 70.23 -18.76
N GLN E 187 -15.28 71.44 -18.52
CA GLN E 187 -15.75 72.59 -19.29
C GLN E 187 -15.46 72.39 -20.76
N LYS E 188 -14.25 71.92 -21.07
CA LYS E 188 -13.85 71.77 -22.47
C LYS E 188 -14.80 70.82 -23.16
N LEU E 189 -15.21 69.78 -22.42
CA LEU E 189 -16.15 68.80 -22.95
C LEU E 189 -17.47 69.47 -23.30
N VAL E 190 -17.83 70.48 -22.53
CA VAL E 190 -19.05 71.22 -22.78
C VAL E 190 -18.90 72.16 -23.98
N ASP E 191 -17.76 72.85 -24.06
CA ASP E 191 -17.52 73.77 -25.16
C ASP E 191 -17.69 73.09 -26.50
N LEU E 192 -17.10 71.89 -26.63
CA LEU E 192 -17.08 71.17 -27.90
C LEU E 192 -18.25 70.21 -28.07
N LYS E 193 -19.25 70.34 -27.20
CA LYS E 193 -20.51 69.65 -27.30
C LYS E 193 -20.40 68.13 -27.19
N TYR E 194 -19.44 67.63 -26.43
CA TYR E 194 -19.37 66.20 -26.17
C TYR E 194 -20.30 65.86 -25.00
N ILE E 195 -20.55 66.84 -24.12
CA ILE E 195 -21.52 66.70 -23.04
C ILE E 195 -22.43 67.92 -22.90
N GLU E 196 -23.52 67.74 -22.16
CA GLU E 196 -24.50 68.77 -21.96
C GLU E 196 -23.94 69.95 -21.17
N ARG F 24 -22.77 -12.04 27.19
CA ARG F 24 -24.07 -12.22 26.57
C ARG F 24 -24.01 -13.18 25.34
N GLY F 25 -22.82 -13.43 24.79
CA GLY F 25 -22.65 -14.42 23.73
C GLY F 25 -22.33 -15.79 24.29
N VAL F 26 -23.06 -16.82 23.86
CA VAL F 26 -22.90 -18.16 24.43
C VAL F 26 -23.42 -19.22 23.49
N THR F 27 -22.76 -20.38 23.45
CA THR F 27 -23.30 -21.57 22.79
C THR F 27 -23.76 -22.60 23.81
N ILE F 28 -25.05 -22.95 23.73
CA ILE F 28 -25.66 -23.97 24.57
C ILE F 28 -25.82 -25.23 23.77
N TRP F 29 -25.12 -26.29 24.18
CA TRP F 29 -24.96 -27.48 23.35
C TRP F 29 -25.72 -28.68 23.92
N LEU F 30 -26.64 -29.23 23.13
CA LEU F 30 -27.44 -30.32 23.64
C LEU F 30 -27.05 -31.66 23.01
N THR F 31 -26.63 -32.56 23.89
CA THR F 31 -26.14 -33.90 23.58
C THR F 31 -27.12 -34.93 24.05
N GLY F 32 -27.19 -36.07 23.38
CA GLY F 32 -28.03 -37.13 23.87
C GLY F 32 -28.51 -38.08 22.80
N LEU F 33 -29.01 -39.24 23.23
CA LEU F 33 -29.43 -40.29 22.31
C LEU F 33 -30.53 -39.77 21.40
N SER F 34 -30.77 -40.49 20.29
CA SER F 34 -31.87 -40.14 19.43
C SER F 34 -33.22 -40.30 20.17
N GLY F 35 -34.00 -39.23 20.29
CA GLY F 35 -35.27 -39.30 20.99
C GLY F 35 -35.25 -38.82 22.45
N ALA F 36 -34.09 -38.39 22.93
CA ALA F 36 -33.97 -37.99 24.33
C ALA F 36 -34.67 -36.65 24.58
N GLY F 37 -34.84 -35.86 23.52
CA GLY F 37 -35.60 -34.61 23.61
C GLY F 37 -34.84 -33.33 23.34
N LYS F 38 -33.70 -33.45 22.67
CA LYS F 38 -32.84 -32.30 22.41
C LYS F 38 -33.57 -31.27 21.60
N THR F 39 -34.17 -31.71 20.49
CA THR F 39 -34.83 -30.80 19.56
C THR F 39 -36.04 -30.14 20.22
N THR F 40 -36.80 -30.92 20.98
CA THR F 40 -37.97 -30.39 21.69
C THR F 40 -37.54 -29.32 22.68
N ILE F 41 -36.60 -29.64 23.57
CA ILE F 41 -36.05 -28.62 24.48
C ILE F 41 -35.61 -27.35 23.74
N THR F 42 -34.90 -27.52 22.63
CA THR F 42 -34.41 -26.37 21.86
C THR F 42 -35.54 -25.44 21.40
N HIS F 43 -36.59 -25.99 20.80
CA HIS F 43 -37.66 -25.16 20.27
C HIS F 43 -38.46 -24.50 21.37
N ALA F 44 -38.63 -25.19 22.49
CA ALA F 44 -39.25 -24.61 23.66
C ALA F 44 -38.35 -23.52 24.20
N LEU F 45 -37.06 -23.84 24.31
CA LEU F 45 -36.10 -22.89 24.90
C LEU F 45 -35.94 -21.67 24.00
N GLU F 46 -35.96 -21.92 22.69
CA GLU F 46 -35.89 -20.87 21.68
C GLU F 46 -36.98 -19.83 21.93
N LYS F 47 -38.17 -20.33 22.24
CA LYS F 47 -39.36 -19.50 22.36
C LYS F 47 -39.20 -18.48 23.49
N LYS F 48 -38.77 -18.95 24.65
CA LYS F 48 -38.62 -18.08 25.80
C LYS F 48 -37.54 -17.01 25.58
N LEU F 49 -36.40 -17.41 25.04
CA LEU F 49 -35.33 -16.46 24.82
C LEU F 49 -35.78 -15.37 23.86
N ARG F 50 -36.58 -15.72 22.86
CA ARG F 50 -37.08 -14.72 21.94
C ARG F 50 -38.18 -13.85 22.55
N ASP F 51 -38.88 -14.37 23.55
CA ASP F 51 -39.92 -13.58 24.20
C ASP F 51 -39.32 -12.58 25.16
N SER F 52 -38.06 -12.82 25.51
CA SER F 52 -37.32 -11.87 26.33
C SER F 52 -36.39 -11.02 25.45
N GLY F 53 -36.56 -11.12 24.14
CA GLY F 53 -35.84 -10.23 23.25
C GLY F 53 -34.39 -10.58 23.01
N TYR F 54 -33.98 -11.78 23.42
CA TYR F 54 -32.64 -12.25 23.08
C TYR F 54 -32.63 -12.74 21.64
N ARG F 55 -31.56 -12.45 20.92
CA ARG F 55 -31.49 -12.87 19.54
C ARG F 55 -30.49 -14.02 19.44
N LEU F 56 -30.93 -15.08 18.78
CA LEU F 56 -30.22 -16.35 18.82
C LEU F 56 -30.32 -17.07 17.49
N GLU F 57 -29.59 -18.18 17.41
CA GLU F 57 -29.54 -19.01 16.21
C GLU F 57 -29.58 -20.49 16.57
N VAL F 58 -30.43 -21.25 15.88
CA VAL F 58 -30.57 -22.67 16.14
C VAL F 58 -29.79 -23.51 15.13
N LEU F 59 -28.92 -24.36 15.64
CA LEU F 59 -28.18 -25.29 14.78
C LEU F 59 -28.55 -26.70 15.18
N ASP F 60 -29.60 -27.23 14.55
CA ASP F 60 -30.05 -28.59 14.86
C ASP F 60 -29.43 -29.59 13.85
N GLY F 61 -28.81 -30.64 14.39
CA GLY F 61 -28.13 -31.66 13.61
C GLY F 61 -28.92 -32.18 12.40
N ASP F 62 -30.19 -32.49 12.62
CA ASP F 62 -31.03 -32.98 11.53
C ASP F 62 -31.22 -31.91 10.46
N VAL F 63 -31.45 -30.67 10.90
CA VAL F 63 -31.61 -29.57 9.95
C VAL F 63 -30.35 -29.22 9.18
N VAL F 64 -29.21 -29.10 9.86
CA VAL F 64 -27.97 -28.69 9.18
C VAL F 64 -27.46 -29.74 8.20
N ARG F 65 -27.91 -30.99 8.35
CA ARG F 65 -27.47 -32.03 7.45
C ARG F 65 -28.24 -31.95 6.15
N THR F 66 -29.05 -30.90 6.00
CA THR F 66 -29.72 -30.62 4.74
C THR F 66 -29.05 -29.47 4.00
N ASN F 67 -28.21 -28.71 4.71
CA ASN F 67 -27.41 -27.65 4.07
C ASN F 67 -25.93 -27.69 4.46
N LEU F 68 -25.63 -27.35 5.70
CA LEU F 68 -24.26 -27.10 6.14
C LEU F 68 -23.37 -28.32 6.06
N THR F 69 -24.00 -29.48 6.27
CA THR F 69 -23.31 -30.76 6.33
C THR F 69 -24.03 -31.78 5.48
N LYS F 70 -24.80 -31.27 4.52
CA LYS F 70 -25.44 -32.12 3.52
C LYS F 70 -24.35 -33.01 2.94
N GLY F 71 -24.68 -34.26 2.66
CA GLY F 71 -23.71 -35.18 2.08
C GLY F 71 -22.90 -36.04 3.05
N LEU F 72 -23.06 -35.80 4.34
CA LEU F 72 -22.34 -36.59 5.34
C LEU F 72 -23.13 -37.75 5.89
N GLY F 73 -22.42 -38.83 6.21
CA GLY F 73 -23.02 -40.02 6.77
C GLY F 73 -22.93 -40.07 8.30
N PHE F 74 -22.68 -41.26 8.84
CA PHE F 74 -22.66 -41.48 10.28
C PHE F 74 -21.51 -42.36 10.78
N SER F 75 -20.44 -42.47 10.00
CA SER F 75 -19.20 -43.08 10.47
C SER F 75 -18.58 -42.15 11.51
N LYS F 76 -17.57 -42.62 12.23
CA LYS F 76 -16.94 -41.77 13.23
C LYS F 76 -16.34 -40.56 12.52
N GLU F 77 -15.77 -40.81 11.35
CA GLU F 77 -15.14 -39.76 10.56
C GLU F 77 -16.15 -38.69 10.18
N ASP F 78 -17.36 -39.12 9.83
CA ASP F 78 -18.33 -38.16 9.35
C ASP F 78 -19.01 -37.44 10.50
N ARG F 79 -19.14 -38.11 11.64
CA ARG F 79 -19.79 -37.47 12.76
C ARG F 79 -18.88 -36.38 13.29
N ASP F 80 -17.59 -36.69 13.37
CA ASP F 80 -16.63 -35.69 13.77
C ASP F 80 -16.66 -34.47 12.84
N THR F 81 -16.67 -34.72 11.53
CA THR F 81 -16.69 -33.62 10.58
C THR F 81 -17.91 -32.77 10.83
N ASN F 82 -19.07 -33.43 10.95
CA ASN F 82 -20.36 -32.80 11.19
C ASN F 82 -20.28 -31.91 12.43
N ILE F 83 -19.86 -32.49 13.56
CA ILE F 83 -19.85 -31.77 14.83
C ILE F 83 -18.88 -30.58 14.79
N ARG F 84 -17.65 -30.83 14.34
CA ARG F 84 -16.67 -29.77 14.19
C ARG F 84 -17.19 -28.65 13.30
N ARG F 85 -17.87 -29.01 12.23
CA ARG F 85 -18.35 -27.98 11.33
C ARG F 85 -19.44 -27.16 12.00
N ILE F 86 -20.22 -27.81 12.85
CA ILE F 86 -21.20 -27.12 13.68
C ILE F 86 -20.48 -26.34 14.78
N GLY F 87 -19.37 -26.88 15.27
CA GLY F 87 -18.53 -26.16 16.20
C GLY F 87 -18.02 -24.86 15.61
N PHE F 88 -17.47 -24.96 14.40
CA PHE F 88 -16.89 -23.80 13.72
C PHE F 88 -17.88 -22.64 13.55
N VAL F 89 -19.13 -22.96 13.27
CA VAL F 89 -20.12 -21.92 13.02
C VAL F 89 -20.63 -21.31 14.31
N SER F 90 -20.82 -22.16 15.33
CA SER F 90 -21.15 -21.66 16.68
C SER F 90 -20.07 -20.71 17.21
N HIS F 91 -18.80 -21.08 17.03
CA HIS F 91 -17.69 -20.25 17.48
C HIS F 91 -17.79 -18.82 16.93
N LEU F 92 -17.95 -18.70 15.61
CA LEU F 92 -18.08 -17.38 15.01
C LEU F 92 -19.32 -16.65 15.52
N LEU F 93 -20.42 -17.37 15.73
CA LEU F 93 -21.64 -16.72 16.16
C LEU F 93 -21.54 -16.33 17.63
N THR F 94 -20.84 -17.14 18.41
CA THR F 94 -20.75 -16.89 19.83
C THR F 94 -19.88 -15.70 20.14
N ARG F 95 -18.73 -15.60 19.48
CA ARG F 95 -17.77 -14.55 19.81
C ARG F 95 -18.21 -13.18 19.28
N ASN F 96 -19.39 -13.16 18.65
CA ASN F 96 -20.03 -11.93 18.22
C ASN F 96 -21.34 -11.74 18.98
N GLY F 97 -21.43 -12.36 20.15
CA GLY F 97 -22.53 -12.11 21.07
C GLY F 97 -23.88 -12.67 20.65
N VAL F 98 -23.87 -13.81 19.98
CA VAL F 98 -25.11 -14.48 19.62
C VAL F 98 -25.29 -15.68 20.53
N ILE F 99 -26.53 -15.94 20.92
CA ILE F 99 -26.85 -17.17 21.64
C ILE F 99 -27.03 -18.33 20.66
N VAL F 100 -26.19 -19.34 20.74
CA VAL F 100 -26.31 -20.44 19.80
C VAL F 100 -26.90 -21.64 20.46
N LEU F 101 -28.01 -22.10 19.91
CA LEU F 101 -28.65 -23.32 20.35
C LEU F 101 -28.31 -24.49 19.41
N VAL F 102 -27.50 -25.42 19.90
CA VAL F 102 -27.08 -26.57 19.13
C VAL F 102 -27.69 -27.87 19.64
N SER F 103 -28.45 -28.57 18.80
CA SER F 103 -28.89 -29.89 19.23
C SER F 103 -28.37 -30.94 18.26
N ALA F 104 -27.42 -31.73 18.72
CA ALA F 104 -26.86 -32.82 17.93
C ALA F 104 -26.47 -33.99 18.83
N ILE F 105 -26.63 -35.22 18.36
CA ILE F 105 -26.30 -36.40 19.16
C ILE F 105 -24.93 -36.28 19.80
N SER F 106 -23.93 -35.85 19.03
CA SER F 106 -22.59 -35.56 19.57
C SER F 106 -22.01 -36.69 20.39
N PRO F 107 -21.96 -37.89 19.81
CA PRO F 107 -21.76 -39.05 20.69
C PRO F 107 -20.33 -39.21 21.22
N TYR F 108 -19.37 -38.49 20.64
CA TYR F 108 -17.99 -38.64 21.10
C TYR F 108 -17.53 -37.55 22.06
N ALA F 109 -17.22 -37.93 23.29
CA ALA F 109 -16.82 -36.98 24.32
C ALA F 109 -15.57 -36.16 23.95
N ALA F 110 -14.59 -36.79 23.29
CA ALA F 110 -13.36 -36.06 23.01
C ALA F 110 -13.62 -34.90 22.04
N ILE F 111 -14.59 -35.07 21.14
CA ILE F 111 -14.94 -34.01 20.18
C ILE F 111 -15.71 -32.86 20.83
N ARG F 112 -16.61 -33.23 21.73
CA ARG F 112 -17.31 -32.26 22.53
C ARG F 112 -16.30 -31.40 23.31
N GLN F 113 -15.38 -32.05 24.04
CA GLN F 113 -14.34 -31.33 24.77
C GLN F 113 -13.60 -30.35 23.87
N GLU F 114 -13.28 -30.83 22.66
CA GLU F 114 -12.56 -30.02 21.70
C GLU F 114 -13.33 -28.75 21.37
N VAL F 115 -14.54 -28.91 20.81
CA VAL F 115 -15.38 -27.77 20.46
C VAL F 115 -15.58 -26.76 21.64
N LYS F 116 -15.91 -27.28 22.82
CA LYS F 116 -16.11 -26.49 24.03
C LYS F 116 -14.92 -25.61 24.35
N HIS F 117 -13.73 -26.19 24.26
CA HIS F 117 -12.48 -25.49 24.50
C HIS F 117 -12.22 -24.41 23.46
N THR F 118 -12.62 -24.68 22.22
CA THR F 118 -12.45 -23.73 21.11
C THR F 118 -13.34 -22.51 21.29
N ILE F 119 -14.60 -22.75 21.63
CA ILE F 119 -15.58 -21.67 21.80
C ILE F 119 -15.45 -20.99 23.15
N GLY F 120 -15.18 -21.76 24.21
CA GLY F 120 -14.93 -21.19 25.52
C GLY F 120 -16.21 -20.92 26.28
N ASP F 121 -16.99 -19.96 25.80
CA ASP F 121 -18.32 -19.63 26.33
C ASP F 121 -19.32 -20.73 25.97
N PHE F 122 -19.18 -21.84 26.67
CA PHE F 122 -19.80 -23.08 26.26
C PHE F 122 -20.63 -23.63 27.38
N LEU F 123 -21.89 -23.89 27.09
CA LEU F 123 -22.76 -24.52 28.07
C LEU F 123 -23.08 -25.93 27.60
N GLU F 124 -22.55 -26.92 28.31
CA GLU F 124 -22.80 -28.32 27.94
C GLU F 124 -24.02 -28.87 28.66
N VAL F 125 -25.07 -29.12 27.89
CA VAL F 125 -26.32 -29.63 28.43
C VAL F 125 -26.52 -31.06 27.95
N PHE F 126 -26.55 -31.97 28.91
CA PHE F 126 -26.73 -33.38 28.63
C PHE F 126 -28.21 -33.72 28.71
N VAL F 127 -28.80 -34.12 27.59
CA VAL F 127 -30.20 -34.53 27.56
C VAL F 127 -30.30 -36.02 27.78
N ASN F 128 -30.60 -36.41 29.01
CA ASN F 128 -30.45 -37.80 29.47
C ASN F 128 -31.74 -38.57 29.72
N ALA F 129 -32.05 -39.46 28.78
CA ALA F 129 -33.06 -40.48 28.94
C ALA F 129 -32.42 -41.84 28.65
N PRO F 130 -32.72 -42.84 29.48
CA PRO F 130 -32.19 -44.18 29.21
C PRO F 130 -32.56 -44.70 27.82
N LEU F 131 -31.69 -45.51 27.21
CA LEU F 131 -31.95 -46.10 25.88
C LEU F 131 -33.34 -46.72 25.77
N ALA F 132 -33.77 -47.43 26.82
CA ALA F 132 -35.09 -48.06 26.86
C ALA F 132 -36.18 -47.03 26.63
N VAL F 133 -36.02 -45.87 27.26
CA VAL F 133 -37.03 -44.82 27.22
C VAL F 133 -37.01 -44.10 25.90
N CYS F 134 -35.86 -44.00 25.26
CA CYS F 134 -35.79 -43.52 23.89
C CYS F 134 -36.37 -44.49 22.89
N GLU F 135 -36.06 -45.75 23.07
CA GLU F 135 -36.55 -46.76 22.18
C GLU F 135 -38.04 -46.77 22.25
N GLU F 136 -38.57 -46.56 23.44
CA GLU F 136 -40.00 -46.59 23.60
C GLU F 136 -40.69 -45.51 22.79
N ARG F 137 -40.18 -44.29 22.78
CA ARG F 137 -40.81 -43.26 21.98
C ARG F 137 -40.76 -43.41 20.45
N ASP F 138 -39.59 -43.68 19.90
CA ASP F 138 -39.45 -44.02 18.48
C ASP F 138 -40.22 -43.09 17.58
N VAL F 139 -40.06 -41.80 17.77
CA VAL F 139 -40.86 -40.85 17.03
C VAL F 139 -40.58 -40.92 15.55
N LYS F 140 -39.31 -40.99 15.23
CA LYS F 140 -38.81 -41.14 13.87
C LYS F 140 -39.06 -42.57 13.36
N GLY F 141 -39.18 -43.53 14.28
CA GLY F 141 -39.36 -44.92 13.91
C GLY F 141 -38.03 -45.61 13.66
N LEU F 142 -36.94 -44.89 13.93
CA LEU F 142 -35.59 -45.35 13.67
C LEU F 142 -35.12 -46.56 14.48
N TYR F 143 -35.40 -46.57 15.77
CA TYR F 143 -34.91 -47.64 16.63
C TYR F 143 -35.35 -48.98 16.05
N ALA F 144 -36.62 -49.04 15.64
CA ALA F 144 -37.13 -50.20 14.95
C ALA F 144 -36.21 -50.55 13.77
N LYS F 145 -35.99 -49.57 12.89
CA LYS F 145 -35.15 -49.78 11.72
C LYS F 145 -33.72 -50.17 12.12
N ALA F 146 -33.27 -49.71 13.27
CA ALA F 146 -31.90 -49.98 13.68
C ALA F 146 -31.84 -51.40 14.15
N ARG F 147 -32.87 -51.79 14.90
CA ARG F 147 -32.92 -53.13 15.44
C ARG F 147 -33.04 -54.16 14.31
N SER F 148 -33.73 -53.79 13.23
CA SER F 148 -33.91 -54.71 12.11
C SER F 148 -32.62 -54.91 11.33
N GLY F 149 -31.67 -54.00 11.49
CA GLY F 149 -30.55 -53.97 10.57
C GLY F 149 -30.74 -53.07 9.34
N GLU F 150 -31.91 -52.45 9.20
CA GLU F 150 -32.20 -51.54 8.08
C GLU F 150 -31.22 -50.39 8.07
N ILE F 151 -31.00 -49.80 9.23
CA ILE F 151 -29.96 -48.80 9.34
CA ILE F 151 -30.00 -48.76 9.44
C ILE F 151 -28.90 -49.30 10.34
N LYS F 152 -27.69 -49.42 9.85
CA LYS F 152 -26.61 -49.87 10.72
C LYS F 152 -25.92 -48.65 11.33
N GLY F 153 -25.15 -48.88 12.40
CA GLY F 153 -24.40 -47.80 13.03
C GLY F 153 -25.25 -46.79 13.76
N PHE F 154 -26.45 -47.22 14.13
CA PHE F 154 -27.30 -46.33 14.87
C PHE F 154 -26.84 -46.22 16.34
N THR F 155 -26.72 -44.98 16.81
CA THR F 155 -26.23 -44.69 18.17
C THR F 155 -26.98 -45.37 19.29
N GLY F 156 -26.24 -46.06 20.14
CA GLY F 156 -26.87 -46.80 21.23
C GLY F 156 -27.31 -48.22 20.89
N ILE F 157 -27.61 -48.47 19.62
CA ILE F 157 -27.91 -49.84 19.20
C ILE F 157 -26.66 -50.55 18.65
N ASP F 158 -25.94 -49.91 17.73
CA ASP F 158 -24.60 -50.40 17.42
C ASP F 158 -23.67 -49.28 16.94
N ASP F 159 -23.79 -48.12 17.55
CA ASP F 159 -22.77 -47.11 17.47
C ASP F 159 -22.59 -46.61 18.89
N PRO F 160 -21.42 -46.08 19.23
CA PRO F 160 -21.22 -45.58 20.60
C PRO F 160 -22.02 -44.33 20.91
N TYR F 161 -22.31 -44.13 22.20
CA TYR F 161 -22.67 -42.84 22.74
C TYR F 161 -22.00 -42.71 24.08
N GLU F 162 -21.11 -41.74 24.21
CA GLU F 162 -20.30 -41.51 25.42
C GLU F 162 -20.87 -40.41 26.31
N PRO F 163 -21.55 -40.77 27.42
CA PRO F 163 -22.18 -39.75 28.29
C PRO F 163 -21.18 -38.74 28.88
N PRO F 164 -21.55 -37.46 28.91
CA PRO F 164 -20.80 -36.41 29.61
C PRO F 164 -20.60 -36.75 31.08
N THR F 165 -19.35 -36.67 31.54
CA THR F 165 -18.99 -36.94 32.92
C THR F 165 -19.33 -35.77 33.85
N ASN F 166 -19.06 -34.55 33.38
CA ASN F 166 -19.39 -33.36 34.14
C ASN F 166 -20.18 -32.29 33.37
N PRO F 167 -21.39 -32.64 32.92
CA PRO F 167 -22.22 -31.68 32.17
C PRO F 167 -22.56 -30.49 33.02
N ASP F 168 -22.63 -29.32 32.44
CA ASP F 168 -22.93 -28.12 33.21
C ASP F 168 -24.39 -28.12 33.69
N VAL F 169 -25.26 -28.78 32.93
CA VAL F 169 -26.67 -28.98 33.29
C VAL F 169 -27.11 -30.35 32.76
N GLU F 170 -27.83 -31.12 33.58
CA GLU F 170 -28.32 -32.43 33.16
C GLU F 170 -29.85 -32.51 33.19
N CYS F 171 -30.43 -32.87 32.05
CA CYS F 171 -31.88 -33.04 31.92
C CYS F 171 -32.31 -34.48 31.83
N ARG F 172 -32.90 -35.00 32.90
CA ARG F 172 -33.52 -36.33 32.87
C ARG F 172 -34.96 -36.24 32.34
N THR F 173 -35.17 -36.44 31.05
CA THR F 173 -36.48 -36.18 30.45
C THR F 173 -37.50 -37.29 30.71
N ASP F 174 -37.05 -38.43 31.22
CA ASP F 174 -37.96 -39.45 31.72
C ASP F 174 -38.65 -38.97 33.00
N LEU F 175 -37.92 -38.20 33.81
CA LEU F 175 -38.36 -37.80 35.15
C LEU F 175 -38.82 -36.36 35.20
N GLU F 176 -38.62 -35.64 34.11
CA GLU F 176 -38.97 -34.23 34.05
C GLU F 176 -39.97 -33.99 32.95
N GLU F 177 -40.72 -32.90 33.08
CA GLU F 177 -41.57 -32.52 31.99
C GLU F 177 -40.90 -31.34 31.34
N LEU F 178 -41.29 -31.09 30.09
CA LEU F 178 -40.58 -30.14 29.23
C LEU F 178 -40.33 -28.79 29.91
N ASP F 179 -41.36 -28.23 30.53
CA ASP F 179 -41.22 -26.91 31.15
C ASP F 179 -40.15 -26.93 32.23
N GLU F 180 -40.11 -28.00 32.99
CA GLU F 180 -39.09 -28.19 34.02
C GLU F 180 -37.69 -28.24 33.41
N SER F 181 -37.55 -29.01 32.34
CA SER F 181 -36.26 -29.20 31.69
C SER F 181 -35.69 -27.90 31.11
N VAL F 182 -36.56 -27.12 30.48
CA VAL F 182 -36.21 -25.78 29.99
C VAL F 182 -35.80 -24.88 31.15
N GLY F 183 -36.41 -25.14 32.31
CA GLY F 183 -36.16 -24.37 33.51
C GLY F 183 -34.74 -24.52 34.06
N LYS F 184 -34.22 -25.73 34.06
CA LYS F 184 -32.88 -25.99 34.59
C LYS F 184 -31.83 -25.15 33.87
N ILE F 185 -31.93 -25.10 32.54
CA ILE F 185 -30.97 -24.39 31.71
C ILE F 185 -31.08 -22.88 31.90
N TRP F 186 -32.31 -22.37 31.76
CA TRP F 186 -32.60 -20.95 31.92
C TRP F 186 -31.95 -20.41 33.18
N GLN F 187 -32.05 -21.19 34.26
CA GLN F 187 -31.43 -20.88 35.55
C GLN F 187 -29.92 -20.72 35.47
N LYS F 188 -29.22 -21.75 34.97
CA LYS F 188 -27.77 -21.72 34.82
C LYS F 188 -27.32 -20.53 33.98
N LEU F 189 -28.12 -20.18 32.99
CA LEU F 189 -27.85 -19.02 32.14
C LEU F 189 -27.83 -17.74 32.97
N VAL F 190 -28.74 -17.69 33.94
CA VAL F 190 -28.83 -16.55 34.83
C VAL F 190 -27.64 -16.53 35.80
N ASP F 191 -27.29 -17.71 36.32
CA ASP F 191 -26.16 -17.86 37.24
C ASP F 191 -24.89 -17.33 36.63
N LEU F 192 -24.72 -17.56 35.34
CA LEU F 192 -23.47 -17.24 34.69
C LEU F 192 -23.60 -15.91 33.95
N LYS F 193 -24.63 -15.15 34.34
CA LYS F 193 -24.86 -13.79 33.86
C LYS F 193 -25.07 -13.67 32.34
N TYR F 194 -25.15 -14.80 31.63
CA TYR F 194 -25.33 -14.78 30.17
C TYR F 194 -26.67 -14.12 29.78
N ILE F 195 -27.67 -14.25 30.66
CA ILE F 195 -28.93 -13.51 30.52
C ILE F 195 -29.40 -13.04 31.92
N GLU F 196 -30.56 -12.40 31.98
CA GLU F 196 -31.09 -11.83 33.22
C GLU F 196 -32.51 -12.30 33.50
SB ADX G . 12.36 15.25 -16.53
O1B ADX G . 13.05 16.54 -16.71
O2B ADX G . 12.22 14.62 -17.84
O3B ADX G . 13.08 14.39 -15.59
PA ADX G . 10.55 15.83 -14.51
O1A ADX G . 11.46 16.88 -13.91
O2A ADX G . 10.47 14.57 -13.65
O3A ADX G . 10.95 15.52 -16.02
O5' ADX G . 9.10 16.49 -14.65
C5' ADX G . 8.03 15.70 -15.10
C4' ADX G . 6.75 16.15 -14.67
O4' ADX G . 6.41 17.35 -15.44
C3' ADX G . 5.72 15.14 -14.97
O3' ADX G . 5.35 14.53 -13.81
C2' ADX G . 4.57 15.89 -15.50
O2' ADX G . 3.67 16.10 -14.52
C1' ADX G . 5.09 17.23 -15.92
N9 ADX G . 5.10 17.46 -17.34
C8 ADX G . 4.67 18.55 -17.99
N7 ADX G . 4.98 18.43 -19.28
C5 ADX G . 5.63 17.25 -19.46
C6 ADX G . 6.19 16.62 -20.57
N6 ADX G . 6.17 17.25 -21.86
N1 ADX G . 6.77 15.41 -20.41
C2 ADX G . 6.84 14.82 -19.20
N3 ADX G . 6.32 15.41 -18.11
C4 ADX G . 5.72 16.62 -18.21
PG ANP H . 4.93 12.13 -11.88
O1G ANP H . 6.08 12.00 -12.97
O2G ANP H . 5.56 12.35 -10.43
O3G ANP H . 4.05 13.28 -12.22
PB ANP H . 4.64 9.61 -10.78
O1B ANP H . 5.80 8.79 -11.45
O2B ANP H . 5.20 10.32 -9.59
N3B ANP H . 4.02 10.71 -11.88
PA ANP H . 2.67 9.00 -8.93
O1A ANP H . 2.24 10.42 -8.89
O2A ANP H . 3.58 8.65 -7.74
O3A ANP H . 3.48 8.67 -10.29
O5' ANP H . 1.41 8.08 -8.92
C5' ANP H . 1.41 6.69 -9.34
C4' ANP H . 0.00 6.14 -9.29
O4' ANP H . 0.02 4.69 -9.23
C3' ANP H . -0.83 6.58 -8.09
O3' ANP H . -2.21 6.62 -8.41
C2' ANP H . -0.53 5.50 -7.05
O2' ANP H . -1.63 5.22 -6.21
C1' ANP H . -0.20 4.26 -7.91
N9 ANP H . 0.99 3.56 -7.44
C8 ANP H . 2.20 4.06 -7.01
N7 ANP H . 3.06 3.14 -6.64
C5 ANP H . 2.36 1.95 -6.82
C6 ANP H . 2.71 0.62 -6.60
N6 ANP H . 3.89 0.23 -6.14
N1 ANP H . 1.78 -0.32 -6.89
C2 ANP H . 0.58 0.07 -7.35
N3 ANP H . 0.15 1.31 -7.62
C4 ANP H . 1.08 2.20 -7.31
MG MG I . 5.34 13.29 -8.94
NA NA J . -0.62 -2.10 -8.18
SB ADX K . -13.94 -20.86 -5.67
O1B ADX K . -14.61 -22.05 -5.13
O2B ADX K . -14.00 -20.93 -7.14
O3B ADX K . -14.58 -19.63 -5.18
PA ADX K . -11.88 -20.46 -3.88
O1A ADX K . -12.68 -21.08 -2.74
O2A ADX K . -11.73 -18.95 -3.73
O3A ADX K . -12.48 -20.90 -5.29
O5' ADX K . -10.44 -21.15 -3.86
C5' ADX K . -9.47 -20.71 -4.77
C4' ADX K . -8.12 -20.94 -4.34
O4' ADX K . -7.84 -22.37 -4.48
C3' ADX K . -7.18 -20.22 -5.20
O3' ADX K . -6.68 -19.13 -4.53
C2' ADX K . -6.08 -21.17 -5.46
O2' ADX K . -5.05 -20.90 -4.63
C1' ADX K . -6.60 -22.53 -5.13
N9 ADX K . -6.78 -23.39 -6.25
C8 ADX K . -6.39 -24.68 -6.35
N7 ADX K . -6.87 -25.18 -7.50
C5 ADX K . -7.57 -24.20 -8.13
C6 ADX K . -8.29 -24.16 -9.33
N6 ADX K . -8.42 -25.33 -10.15
N1 ADX K . -8.89 -23.01 -9.69
C2 ADX K . -8.82 -21.91 -8.90
N3 ADX K . -8.15 -21.93 -7.74
C4 ADX K . -7.53 -23.06 -7.33
PG ANP L . -6.21 -16.03 -4.03
O1G ANP L . -7.50 -16.52 -4.83
O2G ANP L . -6.57 -15.58 -2.55
O3G ANP L . -5.25 -17.15 -3.91
PB ANP L . -5.79 -13.30 -4.27
O1B ANP L . -7.10 -12.83 -4.96
O2B ANP L . -6.05 -13.41 -2.80
N3B ANP L . -5.42 -14.79 -4.90
PA ANP L . -3.59 -11.97 -3.31
O1A ANP L . -4.32 -10.99 -2.38
O2A ANP L . -3.07 -13.17 -2.60
O3A ANP L . -4.60 -12.31 -4.50
O5' ANP L . -2.35 -11.27 -3.96
C5' ANP L . -2.46 -10.28 -5.00
C4' ANP L . -1.07 -9.79 -5.37
O4' ANP L . -1.15 -8.47 -5.92
C3' ANP L . -0.07 -9.68 -4.24
O3' ANP L . 1.26 -9.68 -4.74
C2' ANP L . -0.38 -8.30 -3.68
O2' ANP L . 0.74 -7.64 -3.12
C1' ANP L . -0.79 -7.53 -4.93
N9 ANP L . -1.91 -6.63 -4.69
C8 ANP L . -3.05 -6.80 -3.95
N7 ANP L . -3.85 -5.76 -3.94
C5 ANP L . -3.18 -4.84 -4.73
C6 ANP L . -3.48 -3.53 -5.12
N6 ANP L . -4.59 -2.89 -4.76
N1 ANP L . -2.59 -2.89 -5.92
C2 ANP L . -1.47 -3.53 -6.27
N3 ANP L . -1.07 -4.77 -5.98
C4 ANP L . -1.97 -5.36 -5.19
MG MG M . -5.54 -15.79 -0.92
SB ADX N . -4.55 -57.36 7.60
O1B ADX N . -4.37 -56.66 6.32
O2B ADX N . -3.62 -58.51 7.63
O3B ADX N . -5.97 -57.82 7.77
PA ADX N . -2.93 -55.82 9.00
O1A ADX N . -2.37 -55.24 7.73
O2A ADX N . -1.96 -56.79 9.62
O3A ADX N . -4.32 -56.43 8.72
O5' ADX N . -3.30 -54.61 9.93
C5' ADX N . -3.82 -54.86 11.19
C4' ADX N . -3.55 -53.88 12.17
O4' ADX N . -4.23 -52.68 11.66
C3' ADX N . -4.21 -54.25 13.43
O3' ADX N . -3.33 -54.75 14.33
C2' ADX N . -4.74 -52.98 13.92
O2' ADX N . -3.78 -52.36 14.63
C1' ADX N . -5.04 -52.17 12.69
N9 ADX N . -6.44 -52.11 12.38
C8 ADX N . -7.19 -51.00 12.21
N7 ADX N . -8.46 -51.35 11.98
C5 ADX N . -8.53 -52.71 11.99
C6 ADX N . -9.59 -53.61 11.79
N6 ADX N . -10.92 -53.12 11.45
N1 ADX N . -9.36 -54.94 11.87
C2 ADX N . -8.10 -55.37 12.12
N3 ADX N . -7.06 -54.54 12.32
C4 ADX N . -7.25 -53.20 12.25
PG ANP O . -0.06 -55.56 15.48
O1G ANP O . -0.99 -56.18 14.38
O2G ANP O . 1.48 -55.65 15.11
O3G ANP O . -0.37 -54.11 15.62
PB ANP O . 0.79 -57.43 17.36
O1B ANP O . 2.01 -57.01 16.64
O2B ANP O . 0.41 -58.85 16.88
N3B ANP O . -0.41 -56.32 16.96
PA ANP O . 2.29 -56.77 19.62
O1A ANP O . 3.51 -57.18 18.79
O2A ANP O . 2.17 -55.30 19.71
O3A ANP O . 1.02 -57.45 18.92
O5' ANP O . 2.49 -57.40 21.08
C5' ANP O . 1.52 -57.45 22.16
C4' ANP O . 2.16 -57.20 23.53
O4' ANP O . 2.57 -58.45 24.14
C3' ANP O . 3.34 -56.26 23.59
O3' ANP O . 3.14 -55.27 24.61
C2' ANP O . 4.56 -57.18 23.81
O2' ANP O . 5.53 -56.61 24.68
C1' ANP O . 3.97 -58.47 24.36
N9 ANP O . 4.49 -59.69 23.72
C8 ANP O . 4.87 -59.85 22.41
N7 ANP O . 5.29 -61.06 22.12
C5 ANP O . 5.14 -61.75 23.30
C6 ANP O . 5.40 -63.09 23.66
N6 ANP O . 5.88 -64.00 22.82
N1 ANP O . 5.12 -63.46 24.93
C2 ANP O . 4.65 -62.55 25.78
N3 ANP O . 4.37 -61.26 25.57
C4 ANP O . 4.64 -60.92 24.30
MG MG P . 2.37 -54.08 14.89
AS CAC Q . -22.51 -54.96 11.89
O1 CAC Q . -23.31 -55.66 13.28
O2 CAC Q . -23.17 -55.51 10.39
C1 CAC Q . -22.64 -53.02 11.87
C2 CAC Q . -20.62 -55.42 11.81
SB ADX R . 24.93 38.68 -7.43
O1B ADX R . 23.95 37.91 -8.19
O2B ADX R . 24.55 40.10 -7.47
O3B ADX R . 25.02 38.20 -6.04
PA ADX R . 27.30 37.36 -7.98
O1A ADX R . 26.58 36.03 -8.17
O2A ADX R . 28.11 37.39 -6.69
O3A ADX R . 26.28 38.59 -8.09
O5' ADX R . 28.27 37.55 -9.23
C5' ADX R . 29.12 38.66 -9.27
C4' ADX R . 30.29 38.47 -10.07
O4' ADX R . 29.89 38.51 -11.47
C3' ADX R . 31.25 39.56 -9.85
O3' ADX R . 32.29 39.10 -9.10
C2' ADX R . 31.74 39.92 -11.20
O2' ADX R . 32.93 39.32 -11.41
C1' ADX R . 30.77 39.36 -12.18
N9 ADX R . 29.99 40.34 -12.88
C8 ADX R . 29.75 40.39 -14.21
N7 ADX R . 28.88 41.37 -14.44
C5 ADX R . 28.55 41.94 -13.26
C6 ADX R . 27.69 42.99 -12.92
N6 ADX R . 26.89 43.65 -13.91
N1 ADX R . 27.59 43.34 -11.61
C2 ADX R . 28.29 42.69 -10.66
N3 ADX R . 29.11 41.68 -10.96
C4 ADX R . 29.26 41.29 -12.26
PG ANP S . 34.20 38.26 -6.31
O1G ANP S . 34.37 37.87 -7.74
O2G ANP S . 33.86 36.96 -5.45
O3G ANP S . 33.00 39.31 -6.22
PB ANP S . 35.57 39.75 -4.34
O1B ANP S . 34.64 40.98 -4.49
O2B ANP S . 34.98 38.87 -3.29
N3B ANP S . 35.68 38.93 -5.80
PA ANP S . 38.32 39.38 -3.96
O1A ANP S . 38.41 38.62 -5.24
O2A ANP S . 38.35 38.34 -2.84
O3A ANP S . 36.98 40.25 -3.84
O5' ANP S . 39.51 40.44 -3.74
C5' ANP S . 40.71 40.29 -4.50
C4' ANP S . 41.93 40.98 -3.93
O4' ANP S . 41.65 41.54 -2.63
C3' ANP S . 43.14 40.06 -3.76
O3' ANP S . 44.28 40.56 -4.48
C2' ANP S . 43.34 40.00 -2.24
O2' ANP S . 44.71 39.85 -1.89
C1' ANP S . 42.78 41.35 -1.82
N9 ANP S . 42.39 41.44 -0.41
C8 ANP S . 41.54 40.61 0.28
N7 ANP S . 41.35 40.95 1.54
C5 ANP S . 42.13 42.08 1.68
C6 ANP S . 42.37 42.93 2.78
N6 ANP S . 41.83 42.75 3.98
N1 ANP S . 43.20 44.00 2.58
C2 ANP S . 43.75 44.16 1.38
N3 ANP S . 43.59 43.43 0.27
C4 ANP S . 42.77 42.40 0.49
MG MG T . 35.28 36.03 -6.31
AS CAC U . 22.14 53.34 -18.66
O1 CAC U . 21.86 52.86 -17.02
O2 CAC U . 21.45 54.93 -18.89
C1 CAC U . 24.05 53.51 -18.91
C2 CAC U . 21.35 52.04 -19.91
SB ADX V . 3.67 54.06 -21.05
O1B ADX V . 2.53 54.89 -21.45
O2B ADX V . 4.92 54.68 -21.46
O3B ADX V . 3.64 52.74 -21.69
PA ADX V . 2.31 53.50 -18.81
O1A ADX V . 1.38 54.71 -18.75
O2A ADX V . 1.61 52.34 -19.48
O3A ADX V . 3.63 53.89 -19.57
O5' ADX V . 2.76 52.94 -17.38
C5' ADX V . 3.32 53.77 -16.39
C4' ADX V . 3.46 53.23 -15.08
O4' ADX V . 4.33 52.05 -15.20
C3' ADX V . 4.13 54.14 -14.14
O3' ADX V . 3.25 54.71 -13.28
C2' ADX V . 4.94 53.26 -13.30
O2' ADX V . 4.13 52.97 -12.26
C1' ADX V . 5.18 52.01 -14.07
N9 ADX V . 6.54 51.79 -14.48
C8 ADX V . 7.24 50.66 -14.28
N7 ADX V . 8.42 50.76 -14.90
C5 ADX V . 8.48 51.98 -15.51
C6 ADX V . 9.46 52.60 -16.30
N6 ADX V . 10.69 51.92 -16.66
N1 ADX V . 9.21 53.82 -16.78
C2 ADX V . 8.03 54.42 -16.51
N3 ADX V . 7.07 53.85 -15.76
C4 ADX V . 7.27 52.63 -15.26
PG ANP W . 1.15 57.00 -12.74
O1G ANP W . 1.86 57.28 -14.14
O2G ANP W . -0.36 56.59 -12.96
O3G ANP W . 1.92 55.91 -12.07
PB ANP W . -0.13 59.40 -12.02
O1B ANP W . 0.14 60.37 -13.21
O2B ANP W . -1.28 58.55 -12.43
N3B ANP W . 1.18 58.38 -11.76
PA ANP W . -1.42 59.82 -9.59
O1A ANP W . -2.78 59.84 -10.30
O2A ANP W . -1.16 58.51 -8.97
O3A ANP W . -0.36 60.22 -10.71
O5' ANP W . -1.42 60.89 -8.41
C5' ANP W . -0.37 61.85 -8.09
C4' ANP W . -0.51 62.38 -6.67
O4' ANP W . -0.73 63.80 -6.68
C3' ANP W . -1.61 61.77 -5.79
O3' ANP W . -1.18 61.46 -4.47
C2' ANP W . -2.72 62.83 -5.81
O2' ANP W . -3.30 62.98 -4.52
C1' ANP W . -2.00 64.13 -6.17
N9 ANP W . -2.73 64.90 -7.18
C8 ANP W . -3.45 64.41 -8.24
N7 ANP W . -4.01 65.35 -8.98
C5 ANP W . -3.63 66.53 -8.36
C6 ANP W . -3.89 67.87 -8.65
N6 ANP W . -4.64 68.27 -9.68
N1 ANP W . -3.35 68.81 -7.83
C2 ANP W . -2.61 68.41 -6.79
N3 ANP W . -2.30 67.16 -6.41
C4 ANP W . -2.84 66.27 -7.24
MG MG X . -1.85 55.48 -13.18
SB ADX Y . -24.30 -36.67 15.10
O1B ADX Y . -23.47 -36.38 13.92
O2B ADX Y . -23.86 -37.95 15.67
O3B ADX Y . -24.21 -35.58 16.08
PA ADX Y . -26.77 -35.70 14.34
O1A ADX Y . -26.15 -34.65 13.44
O2A ADX Y . -27.39 -35.09 15.59
O3A ADX Y . -25.73 -36.86 14.66
O5' ADX Y . -27.91 -36.43 13.48
C5' ADX Y . -28.70 -37.39 14.09
C4' ADX Y . -29.98 -37.58 13.48
O4' ADX Y . -29.78 -38.31 12.22
C3' ADX Y . -30.85 -38.41 14.33
O3' ADX Y . -31.79 -37.62 14.92
C2' ADX Y . -31.50 -39.35 13.41
O2' ADX Y . -32.74 -38.89 13.12
C1' ADX Y . -30.71 -39.36 12.15
N9 ADX Y . -30.00 -40.57 11.89
C8 ADX Y . -29.95 -41.26 10.72
N7 ADX Y . -29.07 -42.25 10.86
C5 ADX Y . -28.56 -42.21 12.11
C6 ADX Y . -27.60 -42.98 12.78
N6 ADX Y . -26.93 -44.08 12.11
N1 ADX Y . -27.31 -42.68 14.07
C2 ADX Y . -27.89 -41.64 14.69
N3 ADX Y . -28.80 -40.86 14.06
C4 ADX Y . -29.14 -41.13 12.78
PG ANP Z . -32.56 -36.43 17.67
O1G ANP Z . -32.78 -37.11 16.37
O2G ANP Z . -32.62 -34.87 17.45
O3G ANP Z . -31.11 -36.86 18.17
PB ANP Z . -34.22 -35.77 19.90
O1B ANP Z . -34.21 -34.43 19.24
O2B ANP Z . -33.20 -35.74 21.07
N3B ANP Z . -33.77 -36.93 18.75
PA ANP Z . -36.94 -35.15 20.25
O1A ANP Z . -37.54 -35.29 18.89
O2A ANP Z . -36.52 -33.70 20.52
O3A ANP Z . -35.65 -36.09 20.45
O5' ANP Z . -37.99 -35.59 21.39
C5' ANP Z . -38.76 -36.84 21.35
C4' ANP Z . -39.95 -36.82 22.29
O4' ANP Z . -39.53 -36.50 23.62
C3' ANP Z . -41.10 -35.86 21.93
O3' ANP Z . -42.25 -36.58 21.48
C2' ANP Z . -41.32 -35.03 23.21
O2' ANP Z . -42.70 -34.94 23.55
C1' ANP Z . -40.56 -35.79 24.29
N9 ANP Z . -39.90 -34.94 25.29
C8 ANP Z . -38.93 -34.00 25.06
N7 ANP Z . -38.49 -33.40 26.14
C5 ANP Z . -39.22 -34.00 27.16
C6 ANP Z . -39.23 -33.80 28.55
N6 ANP Z . -38.46 -32.91 29.18
N1 ANP Z . -40.08 -34.57 29.28
C2 ANP Z . -40.86 -35.46 28.65
N3 ANP Z . -40.93 -35.73 27.34
C4 ANP Z . -40.08 -34.95 26.64
MG MG AA . -33.62 -33.60 16.49
#